data_4EEG
#
_entry.id   4EEG
#
_cell.length_a   107.365
_cell.length_b   195.456
_cell.length_c   143.733
_cell.angle_alpha   90.00
_cell.angle_beta   90.00
_cell.angle_gamma   90.00
#
_symmetry.space_group_name_H-M   'C 2 2 21'
#
loop_
_entity.id
_entity.type
_entity.pdbx_description
1 polymer 'Beta-1,4-galactosyltransferase 1'
2 branched 2-acetamido-2-deoxy-beta-D-glucopyranose-(1-6)-beta-D-galactopyranose
3 non-polymer "URIDINE-5'-DIPHOSPHATE"
4 non-polymer 'MANGANESE (II) ION'
5 non-polymer GLYCEROL
6 non-polymer 'SULFATE ION'
7 water water
#
_entity_poly.entity_id   1
_entity_poly.type   'polypeptide(L)'
_entity_poly.pdbx_seq_one_letter_code
;ASMTGGQQMGRGSASLPACPEESPLLVGPMLIEFNMPVDLELVAKQNPNVKMGGRYAPRDCVSPHKVAIIIPFRNRQEHL
KYWLYYLHPVLQRQQLDYGIYVINQAGDTIFNRAKLLNVGFQEALKDYDYTCFVFSDVDLIPMNDHNAYRCFSQPRHISV
AMDKFGFSLPYVQYFGGVSALSKQQFLTINGFPNNYWGWGGEDDDIFNRLVFRGMSISRPNAVVGTTRHIRHSRDKKNEP
NPQRFDRIAHTKETMLSDGLNSLTYQVLDVQRYPLYTQITVDIGTPS
;
_entity_poly.pdbx_strand_id   A,B,C
#
loop_
_chem_comp.id
_chem_comp.type
_chem_comp.name
_chem_comp.formula
GAL D-saccharide, beta linking beta-D-galactopyranose 'C6 H12 O6'
GOL non-polymer GLYCEROL 'C3 H8 O3'
MN non-polymer 'MANGANESE (II) ION' 'Mn 2'
NAG D-saccharide, beta linking 2-acetamido-2-deoxy-beta-D-glucopyranose 'C8 H15 N O6'
SO4 non-polymer 'SULFATE ION' 'O4 S -2'
UDP RNA linking URIDINE-5'-DIPHOSPHATE 'C9 H14 N2 O12 P2'
#
# COMPACT_ATOMS: atom_id res chain seq x y z
N SER A 15 -15.00 -28.46 -11.17
CA SER A 15 -13.76 -28.11 -11.94
C SER A 15 -13.09 -26.72 -11.66
N LEU A 16 -13.48 -25.99 -10.59
CA LEU A 16 -12.65 -24.87 -10.10
C LEU A 16 -11.45 -25.42 -9.33
N PRO A 17 -10.24 -24.84 -9.53
CA PRO A 17 -9.14 -25.45 -8.74
C PRO A 17 -9.14 -24.87 -7.31
N ALA A 18 -8.34 -25.47 -6.43
CA ALA A 18 -8.14 -24.91 -5.10
C ALA A 18 -7.54 -23.50 -5.20
N CYS A 19 -7.99 -22.58 -4.35
CA CYS A 19 -7.35 -21.29 -4.20
C CYS A 19 -5.91 -21.54 -3.82
N PRO A 20 -4.98 -20.63 -4.19
CA PRO A 20 -3.63 -20.81 -3.65
C PRO A 20 -3.69 -20.87 -2.11
N GLU A 21 -2.74 -21.58 -1.51
CA GLU A 21 -2.63 -21.68 -0.07
C GLU A 21 -2.54 -20.33 0.65
N GLU A 22 -1.73 -19.43 0.13
CA GLU A 22 -1.79 -18.07 0.60
C GLU A 22 -2.33 -17.17 -0.49
N SER A 23 -3.26 -16.30 -0.14
CA SER A 23 -3.87 -15.48 -1.15
C SER A 23 -2.85 -14.52 -1.78
N PRO A 24 -2.90 -14.37 -3.10
CA PRO A 24 -2.04 -13.42 -3.74
C PRO A 24 -2.54 -11.98 -3.77
N LEU A 25 -3.76 -11.72 -3.26
CA LEU A 25 -4.40 -10.43 -3.38
C LEU A 25 -4.05 -9.51 -2.22
N LEU A 26 -3.39 -10.03 -1.19
CA LEU A 26 -3.18 -9.29 0.06
C LEU A 26 -2.22 -8.10 -0.15
N VAL A 27 -2.49 -6.98 0.52
CA VAL A 27 -1.63 -5.80 0.37
C VAL A 27 -0.94 -5.40 1.66
N GLY A 28 -1.08 -6.21 2.69
CA GLY A 28 -0.43 -5.92 3.96
C GLY A 28 -1.08 -4.79 4.72
N PRO A 29 -0.26 -3.87 5.24
CA PRO A 29 -0.74 -2.95 6.24
C PRO A 29 -1.64 -1.93 5.58
N MET A 30 -2.58 -1.36 6.33
CA MET A 30 -3.71 -0.64 5.78
C MET A 30 -3.97 0.50 6.72
N LEU A 31 -4.56 1.57 6.20
CA LEU A 31 -4.90 2.71 7.01
C LEU A 31 -6.34 2.60 7.52
N ILE A 32 -6.50 2.79 8.82
CA ILE A 32 -7.78 2.52 9.44
C ILE A 32 -8.17 3.74 10.21
N GLU A 33 -9.40 4.21 10.03
CA GLU A 33 -9.81 5.37 10.82
C GLU A 33 -11.29 5.34 11.11
N PHE A 34 -11.68 5.95 12.22
CA PHE A 34 -13.07 5.86 12.69
C PHE A 34 -13.73 7.24 12.91
N ASN A 35 -13.54 8.17 11.99
CA ASN A 35 -14.07 9.50 12.27
C ASN A 35 -14.94 10.06 11.15
N MET A 36 -15.25 9.25 10.14
CA MET A 36 -16.14 9.65 9.05
C MET A 36 -17.46 8.86 9.13
N PRO A 37 -18.53 9.34 8.47
CA PRO A 37 -19.79 8.57 8.48
C PRO A 37 -19.68 7.38 7.53
N VAL A 38 -20.47 6.33 7.78
CA VAL A 38 -20.49 5.17 6.90
C VAL A 38 -21.92 4.97 6.45
N ASP A 39 -22.05 4.68 5.16
CA ASP A 39 -23.35 4.45 4.54
CA ASP A 39 -23.36 4.41 4.63
C ASP A 39 -23.36 3.03 4.00
N LEU A 40 -24.11 2.14 4.65
CA LEU A 40 -24.07 0.71 4.31
C LEU A 40 -24.55 0.43 2.91
N GLU A 41 -25.47 1.27 2.44
CA GLU A 41 -25.88 1.23 1.04
C GLU A 41 -24.69 1.42 0.12
N LEU A 42 -23.86 2.40 0.43
CA LEU A 42 -22.63 2.61 -0.32
C LEU A 42 -21.66 1.43 -0.16
N VAL A 43 -21.43 0.99 1.09
CA VAL A 43 -20.59 -0.19 1.29
C VAL A 43 -21.08 -1.36 0.44
N ALA A 44 -22.39 -1.61 0.44
CA ALA A 44 -22.94 -2.67 -0.42
C ALA A 44 -22.55 -2.49 -1.88
N LYS A 45 -22.71 -1.28 -2.43
CA LYS A 45 -22.31 -0.97 -3.82
C LYS A 45 -20.82 -1.17 -4.08
N GLN A 46 -19.98 -0.70 -3.16
CA GLN A 46 -18.52 -0.98 -3.20
C GLN A 46 -18.15 -2.48 -3.08
N ASN A 47 -19.10 -3.29 -2.58
CA ASN A 47 -18.84 -4.70 -2.38
C ASN A 47 -19.79 -5.61 -3.15
N PRO A 48 -19.89 -5.39 -4.46
CA PRO A 48 -20.98 -6.03 -5.24
C PRO A 48 -20.93 -7.56 -5.26
N ASN A 49 -19.82 -8.18 -4.90
CA ASN A 49 -19.86 -9.64 -4.93
C ASN A 49 -20.34 -10.25 -3.60
N VAL A 50 -20.56 -9.43 -2.58
CA VAL A 50 -21.08 -9.96 -1.35
C VAL A 50 -22.58 -10.22 -1.56
N LYS A 51 -23.03 -11.44 -1.30
CA LYS A 51 -24.43 -11.78 -1.57
C LYS A 51 -25.37 -11.63 -0.39
N MET A 52 -26.68 -11.70 -0.65
CA MET A 52 -27.61 -11.34 0.41
C MET A 52 -27.27 -12.16 1.67
N GLY A 53 -27.30 -11.49 2.81
CA GLY A 53 -26.94 -12.11 4.08
C GLY A 53 -25.47 -12.01 4.48
N GLY A 54 -24.68 -11.31 3.67
CA GLY A 54 -23.24 -11.14 3.90
C GLY A 54 -22.43 -12.41 3.63
N ARG A 55 -22.66 -13.04 2.49
CA ARG A 55 -22.03 -14.29 2.11
C ARG A 55 -21.18 -14.07 0.88
N TYR A 56 -20.01 -14.71 0.83
CA TYR A 56 -19.09 -14.55 -0.28
C TYR A 56 -18.25 -15.79 -0.35
N ALA A 57 -18.13 -16.36 -1.55
CA ALA A 57 -17.03 -17.26 -1.84
C ALA A 57 -16.34 -16.79 -3.14
N PRO A 58 -15.07 -17.13 -3.36
CA PRO A 58 -14.49 -16.58 -4.57
C PRO A 58 -14.97 -17.26 -5.87
N ARG A 59 -15.04 -16.49 -6.94
CA ARG A 59 -15.54 -17.00 -8.20
C ARG A 59 -14.55 -17.89 -8.95
N ASP A 60 -13.26 -17.70 -8.72
CA ASP A 60 -12.22 -18.32 -9.55
C ASP A 60 -11.54 -19.54 -8.98
N CYS A 61 -11.78 -19.83 -7.70
CA CYS A 61 -11.15 -20.98 -7.05
C CYS A 61 -12.00 -21.35 -5.81
N VAL A 62 -11.82 -22.57 -5.31
CA VAL A 62 -12.54 -23.09 -4.15
C VAL A 62 -11.71 -22.85 -2.87
N SER A 63 -12.20 -22.06 -1.94
CA SER A 63 -11.48 -21.85 -0.70
C SER A 63 -11.61 -23.06 0.19
N PRO A 64 -10.53 -23.51 0.83
CA PRO A 64 -10.74 -24.57 1.83
C PRO A 64 -11.27 -23.96 3.15
N HIS A 65 -11.40 -22.64 3.21
CA HIS A 65 -11.82 -22.03 4.46
C HIS A 65 -13.31 -21.65 4.42
N LYS A 66 -14.15 -22.43 5.12
CA LYS A 66 -15.59 -22.20 5.23
C LYS A 66 -15.85 -21.59 6.57
N VAL A 67 -15.95 -20.27 6.54
CA VAL A 67 -15.79 -19.50 7.74
C VAL A 67 -17.10 -18.77 8.10
N ALA A 68 -17.63 -19.02 9.29
CA ALA A 68 -18.71 -18.20 9.72
C ALA A 68 -18.12 -17.23 10.67
N ILE A 69 -18.40 -15.94 10.48
CA ILE A 69 -17.87 -14.92 11.37
C ILE A 69 -18.99 -14.45 12.30
N ILE A 70 -18.76 -14.50 13.60
CA ILE A 70 -19.84 -14.39 14.54
C ILE A 70 -19.55 -13.24 15.42
N ILE A 71 -20.48 -12.30 15.53
CA ILE A 71 -20.20 -11.10 16.27
C ILE A 71 -21.18 -10.95 17.44
N PRO A 72 -20.70 -10.87 18.68
CA PRO A 72 -21.77 -10.73 19.63
C PRO A 72 -22.17 -9.26 19.71
N PHE A 73 -23.45 -8.99 19.93
CA PHE A 73 -23.95 -7.67 19.61
C PHE A 73 -25.13 -7.21 20.46
N ARG A 74 -25.06 -5.98 20.94
CA ARG A 74 -26.31 -5.25 21.29
C ARG A 74 -26.07 -3.76 21.26
N ASN A 75 -26.91 -3.00 20.53
CA ASN A 75 -26.84 -1.51 20.58
C ASN A 75 -25.42 -0.97 20.24
N ARG A 76 -24.83 -1.49 19.16
CA ARG A 76 -23.52 -1.07 18.66
C ARG A 76 -23.58 -0.89 17.14
N GLN A 77 -24.69 -0.33 16.63
CA GLN A 77 -24.89 -0.22 15.18
C GLN A 77 -23.75 0.60 14.52
N GLU A 78 -23.23 1.59 15.24
CA GLU A 78 -22.25 2.48 14.65
C GLU A 78 -20.92 1.75 14.45
N HIS A 79 -20.45 1.07 15.51
CA HIS A 79 -19.27 0.22 15.40
C HIS A 79 -19.49 -0.80 14.28
N LEU A 80 -20.70 -1.34 14.18
CA LEU A 80 -20.90 -2.40 13.19
C LEU A 80 -20.71 -1.94 11.75
N LYS A 81 -21.17 -0.71 11.46
CA LYS A 81 -21.00 -0.16 10.11
C LYS A 81 -19.52 -0.02 9.77
N TYR A 82 -18.70 0.44 10.73
CA TYR A 82 -17.25 0.44 10.53
C TYR A 82 -16.68 -0.99 10.41
N TRP A 83 -17.18 -1.92 11.24
CA TRP A 83 -16.74 -3.30 11.12
C TRP A 83 -16.97 -3.80 9.69
N LEU A 84 -18.17 -3.54 9.16
CA LEU A 84 -18.56 -4.09 7.85
C LEU A 84 -17.80 -3.42 6.71
N TYR A 85 -17.63 -2.10 6.83
CA TYR A 85 -16.85 -1.32 5.85
C TYR A 85 -15.41 -1.82 5.75
N TYR A 86 -14.76 -2.02 6.90
CA TYR A 86 -13.37 -2.50 6.83
C TYR A 86 -13.20 -4.00 6.60
N LEU A 87 -13.93 -4.88 7.30
CA LEU A 87 -13.68 -6.32 7.15
C LEU A 87 -14.07 -6.86 5.78
N HIS A 88 -15.16 -6.35 5.25
CA HIS A 88 -15.67 -7.01 4.06
C HIS A 88 -14.63 -7.09 2.94
N PRO A 89 -13.98 -5.97 2.57
CA PRO A 89 -12.94 -6.14 1.53
C PRO A 89 -11.73 -7.01 1.94
N VAL A 90 -11.39 -7.01 3.22
CA VAL A 90 -10.26 -7.85 3.71
C VAL A 90 -10.61 -9.31 3.56
N LEU A 91 -11.85 -9.66 3.87
CA LEU A 91 -12.24 -11.06 3.84
C LEU A 91 -12.31 -11.59 2.40
N GLN A 92 -12.76 -10.78 1.43
CA GLN A 92 -12.66 -11.23 0.04
C GLN A 92 -11.22 -11.29 -0.44
N ARG A 93 -10.35 -10.42 0.06
CA ARG A 93 -8.93 -10.53 -0.41
C ARG A 93 -8.29 -11.78 0.10
N GLN A 94 -8.77 -12.25 1.25
CA GLN A 94 -8.27 -13.49 1.83
C GLN A 94 -8.87 -14.72 1.19
N GLN A 95 -9.79 -14.53 0.23
CA GLN A 95 -10.26 -15.67 -0.57
C GLN A 95 -11.03 -16.72 0.23
N LEU A 96 -11.76 -16.25 1.25
CA LEU A 96 -12.51 -17.09 2.15
C LEU A 96 -13.88 -17.39 1.59
N ASP A 97 -14.42 -18.56 1.90
CA ASP A 97 -15.82 -18.85 1.61
C ASP A 97 -16.56 -18.52 2.89
N TYR A 98 -17.07 -17.30 3.07
CA TYR A 98 -17.48 -16.83 4.40
C TYR A 98 -18.92 -16.32 4.49
N GLY A 99 -19.42 -16.18 5.72
CA GLY A 99 -20.66 -15.43 5.98
C GLY A 99 -20.58 -14.66 7.30
N ILE A 100 -21.35 -13.58 7.43
CA ILE A 100 -21.30 -12.78 8.64
C ILE A 100 -22.59 -12.99 9.45
N TYR A 101 -22.46 -13.22 10.74
CA TYR A 101 -23.59 -13.37 11.64
C TYR A 101 -23.44 -12.37 12.78
N VAL A 102 -24.42 -11.47 12.94
CA VAL A 102 -24.43 -10.56 14.10
C VAL A 102 -25.48 -11.19 15.01
N ILE A 103 -25.14 -11.36 16.29
CA ILE A 103 -26.00 -12.16 17.14
C ILE A 103 -26.46 -11.16 18.17
N ASN A 104 -27.68 -10.72 17.96
CA ASN A 104 -28.20 -9.54 18.60
C ASN A 104 -29.00 -10.03 19.81
N GLN A 105 -28.59 -9.61 21.00
CA GLN A 105 -29.25 -9.98 22.25
C GLN A 105 -30.58 -9.22 22.42
N ALA A 106 -31.73 -9.90 22.34
CA ALA A 106 -33.05 -9.25 22.68
C ALA A 106 -33.07 -8.74 24.11
N GLY A 107 -33.95 -7.77 24.40
CA GLY A 107 -34.19 -7.32 25.78
C GLY A 107 -33.12 -6.37 26.31
N ASP A 108 -33.18 -6.01 27.60
CA ASP A 108 -32.34 -4.96 28.18
C ASP A 108 -31.80 -5.39 29.50
N THR A 109 -31.64 -6.71 29.62
CA THR A 109 -30.99 -7.31 30.78
C THR A 109 -29.51 -7.60 30.50
N ILE A 110 -28.79 -7.97 31.57
CA ILE A 110 -27.34 -8.15 31.55
C ILE A 110 -26.85 -8.96 30.34
N PHE A 111 -25.89 -8.38 29.67
CA PHE A 111 -25.28 -8.92 28.50
C PHE A 111 -24.50 -10.22 28.80
N ASN A 112 -24.49 -11.10 27.80
CA ASN A 112 -23.79 -12.38 27.87
C ASN A 112 -23.04 -12.68 26.58
N ARG A 113 -21.78 -12.19 26.52
CA ARG A 113 -20.98 -12.34 25.33
C ARG A 113 -20.85 -13.79 24.86
N ALA A 114 -20.37 -14.68 25.73
CA ALA A 114 -20.12 -16.07 25.32
C ALA A 114 -21.35 -16.85 24.90
N LYS A 115 -22.51 -16.57 25.50
CA LYS A 115 -23.70 -17.35 25.18
C LYS A 115 -24.13 -16.99 23.77
N LEU A 116 -23.96 -15.71 23.46
CA LEU A 116 -24.28 -15.21 22.12
C LEU A 116 -23.42 -15.87 21.06
N LEU A 117 -22.11 -15.95 21.34
CA LEU A 117 -21.19 -16.75 20.52
C LEU A 117 -21.63 -18.21 20.32
N ASN A 118 -22.06 -18.88 21.39
CA ASN A 118 -22.63 -20.23 21.16
C ASN A 118 -23.82 -20.28 20.25
N VAL A 119 -24.72 -19.34 20.47
CA VAL A 119 -25.91 -19.25 19.57
C VAL A 119 -25.43 -19.12 18.12
N GLY A 120 -24.45 -18.21 17.93
CA GLY A 120 -23.95 -17.97 16.58
C GLY A 120 -23.43 -19.22 15.91
N PHE A 121 -22.66 -20.01 16.64
CA PHE A 121 -22.11 -21.26 16.11
C PHE A 121 -23.20 -22.21 15.69
N GLN A 122 -24.15 -22.36 16.59
CA GLN A 122 -25.23 -23.30 16.37
C GLN A 122 -26.16 -22.81 15.22
N GLU A 123 -26.49 -21.52 15.20
CA GLU A 123 -27.42 -21.05 14.18
C GLU A 123 -26.73 -21.04 12.81
N ALA A 124 -25.46 -20.64 12.77
CA ALA A 124 -24.75 -20.57 11.49
C ALA A 124 -24.69 -21.93 10.84
N LEU A 125 -24.54 -22.99 11.64
CA LEU A 125 -24.43 -24.33 11.06
C LEU A 125 -25.68 -24.76 10.32
N LYS A 126 -26.81 -24.10 10.63
CA LYS A 126 -28.08 -24.34 9.94
C LYS A 126 -28.12 -23.83 8.50
N ASP A 127 -27.32 -22.79 8.18
CA ASP A 127 -27.31 -22.22 6.82
C ASP A 127 -26.43 -22.99 5.90
N TYR A 128 -25.32 -23.54 6.42
CA TYR A 128 -24.24 -23.93 5.53
C TYR A 128 -23.24 -24.84 6.25
N ASP A 129 -22.57 -25.71 5.52
CA ASP A 129 -21.53 -26.51 6.15
C ASP A 129 -20.24 -25.73 6.54
N TYR A 130 -20.34 -24.78 7.47
CA TYR A 130 -19.13 -24.10 7.93
C TYR A 130 -18.25 -25.05 8.73
N THR A 131 -16.92 -24.96 8.57
CA THR A 131 -16.01 -25.77 9.35
C THR A 131 -15.00 -24.96 10.15
N CYS A 132 -15.20 -23.64 10.20
CA CYS A 132 -14.28 -22.71 10.85
C CYS A 132 -15.15 -21.57 11.40
N PHE A 133 -14.88 -21.11 12.61
CA PHE A 133 -15.66 -20.06 13.21
C PHE A 133 -14.78 -18.96 13.74
N VAL A 134 -15.02 -17.74 13.24
CA VAL A 134 -14.26 -16.63 13.74
C VAL A 134 -15.13 -15.91 14.78
N PHE A 135 -14.65 -15.72 15.99
CA PHE A 135 -15.42 -14.93 16.96
C PHE A 135 -14.79 -13.56 17.07
N SER A 136 -15.51 -12.50 16.67
CA SER A 136 -14.97 -11.16 16.62
C SER A 136 -15.90 -10.20 17.33
N ASP A 137 -15.39 -9.54 18.38
CA ASP A 137 -16.05 -8.37 18.95
C ASP A 137 -16.28 -7.33 17.84
N VAL A 138 -17.26 -6.45 18.01
CA VAL A 138 -17.73 -5.64 16.91
C VAL A 138 -16.82 -4.44 16.59
N ASP A 139 -16.05 -4.02 17.60
CA ASP A 139 -15.26 -2.80 17.56
C ASP A 139 -13.76 -3.09 17.36
N LEU A 140 -13.36 -4.20 16.72
CA LEU A 140 -11.94 -4.51 16.54
C LEU A 140 -11.69 -4.70 15.08
N ILE A 141 -10.74 -3.90 14.57
CA ILE A 141 -10.50 -3.87 13.14
C ILE A 141 -9.05 -4.21 12.87
N PRO A 142 -8.81 -5.19 11.98
CA PRO A 142 -7.42 -5.57 11.81
C PRO A 142 -6.73 -4.50 10.97
N MET A 143 -5.43 -4.27 11.21
CA MET A 143 -4.66 -3.27 10.42
C MET A 143 -3.82 -3.86 9.34
N ASN A 144 -3.81 -5.20 9.20
CA ASN A 144 -2.98 -5.84 8.24
C ASN A 144 -3.67 -7.06 7.62
N ASP A 145 -3.89 -7.05 6.31
CA ASP A 145 -4.72 -8.12 5.76
C ASP A 145 -3.98 -9.43 5.75
N HIS A 146 -2.73 -9.43 6.22
CA HIS A 146 -2.05 -10.69 6.34
C HIS A 146 -2.52 -11.46 7.56
N ASN A 147 -3.30 -10.80 8.40
CA ASN A 147 -3.82 -11.44 9.59
C ASN A 147 -5.02 -12.33 9.22
N ALA A 148 -4.83 -13.64 9.10
CA ALA A 148 -5.80 -14.50 8.39
C ALA A 148 -7.01 -14.79 9.30
N TYR A 149 -8.19 -14.47 8.80
CA TYR A 149 -9.46 -14.65 9.54
C TYR A 149 -10.07 -16.01 9.20
N ARG A 150 -9.30 -17.08 9.43
CA ARG A 150 -9.72 -18.45 9.22
C ARG A 150 -9.01 -19.33 10.24
N CYS A 151 -9.22 -20.64 10.15
CA CYS A 151 -8.79 -21.60 11.17
C CYS A 151 -7.42 -22.24 10.92
N PHE A 152 -6.74 -22.61 12.00
CA PHE A 152 -5.45 -23.30 11.89
C PHE A 152 -5.52 -24.68 12.55
N SER A 153 -4.41 -25.41 12.62
CA SER A 153 -4.53 -26.74 13.23
C SER A 153 -4.57 -26.60 14.77
N GLN A 154 -4.34 -25.40 15.30
CA GLN A 154 -4.57 -25.09 16.72
C GLN A 154 -5.46 -23.84 16.79
N PRO A 155 -6.12 -23.60 17.93
CA PRO A 155 -7.05 -22.49 18.06
C PRO A 155 -6.24 -21.25 17.75
N ARG A 156 -6.84 -20.26 17.08
CA ARG A 156 -6.09 -19.09 16.61
C ARG A 156 -6.52 -17.81 17.32
N HIS A 157 -5.57 -17.08 17.86
CA HIS A 157 -5.91 -15.83 18.47
C HIS A 157 -5.46 -14.78 17.47
N ILE A 158 -6.38 -13.90 17.07
CA ILE A 158 -6.21 -12.98 15.94
C ILE A 158 -5.85 -11.56 16.33
N SER A 159 -6.57 -11.00 17.29
CA SER A 159 -6.32 -9.64 17.70
C SER A 159 -5.20 -9.63 18.71
N VAL A 160 -3.99 -9.92 18.26
CA VAL A 160 -2.88 -10.09 19.19
C VAL A 160 -2.20 -8.80 19.62
N ALA A 161 -2.24 -7.77 18.78
CA ALA A 161 -1.52 -6.52 19.11
C ALA A 161 -2.43 -5.30 18.90
N MET A 162 -3.24 -5.05 19.93
CA MET A 162 -4.27 -4.04 19.94
C MET A 162 -3.75 -2.73 20.44
N ASP A 163 -4.18 -1.66 19.78
CA ASP A 163 -3.68 -0.33 20.09
C ASP A 163 -3.94 0.01 21.53
N LYS A 164 -5.10 -0.37 22.05
CA LYS A 164 -5.42 -0.09 23.44
C LYS A 164 -4.61 -0.89 24.46
N PHE A 165 -3.93 -1.94 24.03
CA PHE A 165 -2.96 -2.59 24.92
C PHE A 165 -1.52 -2.22 24.57
N GLY A 166 -1.32 -1.11 23.85
CA GLY A 166 0.03 -0.69 23.46
C GLY A 166 0.65 -1.54 22.37
N PHE A 167 -0.18 -2.06 21.48
CA PHE A 167 0.31 -2.93 20.40
C PHE A 167 1.07 -4.16 20.88
N SER A 168 0.67 -4.75 22.02
CA SER A 168 1.06 -6.13 22.36
C SER A 168 -0.03 -6.87 23.15
N LEU A 169 0.26 -8.08 23.61
CA LEU A 169 -0.77 -8.83 24.30
C LEU A 169 -0.77 -8.22 25.70
N PRO A 170 -1.94 -8.05 26.32
CA PRO A 170 -1.87 -7.61 27.71
C PRO A 170 -1.33 -8.68 28.65
N TYR A 171 -1.47 -9.97 28.32
CA TYR A 171 -0.82 -11.04 29.09
C TYR A 171 -0.75 -12.17 28.12
N VAL A 172 0.17 -13.12 28.32
CA VAL A 172 0.43 -14.07 27.25
C VAL A 172 -0.69 -15.06 27.11
N GLN A 173 -1.50 -15.21 28.16
CA GLN A 173 -2.67 -16.08 27.99
C GLN A 173 -3.96 -15.35 27.55
N TYR A 174 -3.85 -14.10 27.12
CA TYR A 174 -5.04 -13.36 26.71
C TYR A 174 -5.56 -13.96 25.43
N PHE A 175 -6.87 -14.17 25.37
CA PHE A 175 -7.45 -14.85 24.23
C PHE A 175 -8.76 -14.09 23.85
N GLY A 176 -8.92 -12.90 24.39
CA GLY A 176 -10.04 -12.04 24.00
C GLY A 176 -9.97 -11.36 22.63
N GLY A 177 -11.10 -10.81 22.23
CA GLY A 177 -11.10 -9.82 21.20
C GLY A 177 -11.58 -10.48 19.96
N VAL A 178 -10.66 -11.09 19.23
CA VAL A 178 -10.97 -11.81 18.01
C VAL A 178 -10.18 -13.10 18.03
N SER A 179 -10.87 -14.21 17.71
CA SER A 179 -10.22 -15.49 17.67
C SER A 179 -10.90 -16.40 16.63
N ALA A 180 -10.28 -17.53 16.33
CA ALA A 180 -10.87 -18.50 15.41
C ALA A 180 -10.65 -19.95 15.87
N LEU A 181 -11.72 -20.74 15.80
CA LEU A 181 -11.70 -22.16 16.17
C LEU A 181 -12.29 -22.98 15.04
N SER A 182 -11.67 -24.08 14.68
CA SER A 182 -12.27 -24.98 13.72
C SER A 182 -13.53 -25.58 14.42
N LYS A 183 -14.38 -26.23 13.65
CA LYS A 183 -15.61 -26.84 14.14
C LYS A 183 -15.20 -27.86 15.23
N GLN A 184 -14.16 -28.62 14.91
CA GLN A 184 -13.69 -29.67 15.82
C GLN A 184 -13.09 -29.12 17.12
N GLN A 185 -12.29 -28.08 17.02
CA GLN A 185 -11.77 -27.50 18.23
C GLN A 185 -12.94 -27.00 19.08
N PHE A 186 -13.90 -26.32 18.45
CA PHE A 186 -15.06 -25.78 19.22
C PHE A 186 -15.82 -26.93 19.91
N LEU A 187 -16.08 -27.99 19.17
CA LEU A 187 -16.85 -29.10 19.73
C LEU A 187 -16.06 -29.77 20.85
N THR A 188 -14.74 -29.90 20.65
CA THR A 188 -13.89 -30.61 21.58
C THR A 188 -13.95 -29.91 22.93
N ILE A 189 -14.17 -28.60 22.97
CA ILE A 189 -14.23 -27.98 24.31
C ILE A 189 -15.70 -27.76 24.80
N ASN A 190 -16.68 -28.35 24.10
CA ASN A 190 -18.10 -28.16 24.52
C ASN A 190 -18.42 -26.66 24.35
N GLY A 191 -17.82 -26.04 23.33
CA GLY A 191 -18.07 -24.63 23.02
C GLY A 191 -17.77 -23.75 24.20
N PHE A 192 -18.50 -22.64 24.32
CA PHE A 192 -18.08 -21.65 25.33
C PHE A 192 -18.93 -21.71 26.56
N PRO A 193 -18.50 -21.08 27.67
CA PRO A 193 -19.44 -21.14 28.79
C PRO A 193 -20.67 -20.20 28.59
N ASN A 194 -21.81 -20.59 29.19
CA ASN A 194 -23.12 -19.90 29.14
C ASN A 194 -23.34 -19.00 30.34
N ASN A 195 -22.59 -19.16 31.42
CA ASN A 195 -22.95 -18.43 32.60
C ASN A 195 -21.98 -17.32 32.98
N TYR A 196 -21.28 -16.72 32.00
CA TYR A 196 -20.56 -15.49 32.28
C TYR A 196 -21.38 -14.27 31.87
N TRP A 197 -22.00 -13.60 32.85
CA TRP A 197 -23.01 -12.58 32.60
C TRP A 197 -22.34 -11.29 33.01
N GLY A 198 -22.42 -10.25 32.16
CA GLY A 198 -21.68 -9.03 32.43
C GLY A 198 -20.20 -9.19 32.07
N TRP A 199 -19.41 -8.14 32.24
CA TRP A 199 -18.10 -8.07 31.58
C TRP A 199 -17.06 -8.94 32.28
N GLY A 200 -16.25 -9.63 31.47
CA GLY A 200 -14.94 -10.13 31.97
C GLY A 200 -14.86 -11.61 32.23
N GLY A 201 -13.67 -12.18 32.00
CA GLY A 201 -13.38 -13.54 32.39
C GLY A 201 -13.78 -14.62 31.40
N GLU A 202 -14.85 -14.44 30.64
CA GLU A 202 -15.29 -15.55 29.77
C GLU A 202 -14.24 -15.95 28.75
N ASP A 203 -13.40 -15.00 28.34
CA ASP A 203 -12.36 -15.33 27.35
C ASP A 203 -11.22 -16.12 27.99
N ASP A 204 -10.98 -15.88 29.28
CA ASP A 204 -10.01 -16.65 30.03
C ASP A 204 -10.50 -18.05 30.23
N ASP A 205 -11.81 -18.19 30.50
CA ASP A 205 -12.39 -19.48 30.71
C ASP A 205 -12.15 -20.23 29.45
N ILE A 206 -12.32 -19.55 28.32
CA ILE A 206 -12.26 -20.23 27.02
C ILE A 206 -10.79 -20.67 26.75
N PHE A 207 -9.84 -19.82 27.12
CA PHE A 207 -8.41 -20.22 27.07
C PHE A 207 -8.16 -21.52 27.87
N ASN A 208 -8.58 -21.50 29.14
CA ASN A 208 -8.55 -22.66 30.07
C ASN A 208 -9.10 -23.91 29.40
N ARG A 209 -10.28 -23.78 28.81
CA ARG A 209 -10.88 -24.88 28.09
C ARG A 209 -9.95 -25.44 27.03
N LEU A 210 -9.38 -24.61 26.17
CA LEU A 210 -8.46 -25.12 25.15
C LEU A 210 -7.25 -25.89 25.73
N VAL A 211 -6.72 -25.40 26.83
CA VAL A 211 -5.51 -25.95 27.41
C VAL A 211 -5.85 -27.30 28.03
N PHE A 212 -7.01 -27.41 28.73
CA PHE A 212 -7.44 -28.70 29.30
C PHE A 212 -7.82 -29.69 28.22
N ARG A 213 -7.92 -29.26 26.97
CA ARG A 213 -8.18 -30.26 25.96
C ARG A 213 -6.97 -30.48 25.07
N GLY A 214 -5.79 -30.08 25.55
CA GLY A 214 -4.53 -30.51 24.91
C GLY A 214 -4.08 -29.55 23.80
N MET A 215 -4.62 -28.33 23.79
CA MET A 215 -4.36 -27.45 22.67
C MET A 215 -3.51 -26.30 23.10
N SER A 216 -2.96 -25.57 22.14
CA SER A 216 -2.28 -24.35 22.52
C SER A 216 -2.61 -23.28 21.47
N ILE A 217 -2.33 -22.03 21.79
CA ILE A 217 -2.76 -20.90 21.03
C ILE A 217 -1.75 -20.58 19.95
N SER A 218 -2.20 -20.60 18.71
CA SER A 218 -1.47 -20.13 17.55
C SER A 218 -1.77 -18.62 17.33
N ARG A 219 -0.77 -17.87 16.87
CA ARG A 219 -0.88 -16.42 16.72
C ARG A 219 -0.05 -15.91 15.57
N PRO A 220 -0.53 -14.88 14.86
CA PRO A 220 0.44 -14.24 13.94
C PRO A 220 1.43 -13.43 14.78
N ASN A 221 2.51 -12.93 14.14
CA ASN A 221 3.44 -12.02 14.81
C ASN A 221 2.76 -10.68 15.22
N ALA A 222 3.35 -9.90 16.12
CA ALA A 222 2.77 -8.63 16.58
C ALA A 222 2.59 -7.57 15.50
N VAL A 223 3.32 -7.71 14.41
CA VAL A 223 3.21 -6.67 13.44
C VAL A 223 1.98 -7.02 12.61
N VAL A 224 1.92 -8.24 12.09
CA VAL A 224 0.78 -8.61 11.26
C VAL A 224 -0.52 -8.58 12.08
N GLY A 225 -0.45 -8.79 13.40
CA GLY A 225 -1.66 -8.93 14.24
C GLY A 225 -2.12 -7.60 14.84
N THR A 226 -1.51 -6.53 14.36
CA THR A 226 -1.92 -5.21 14.76
C THR A 226 -3.42 -4.97 14.51
N THR A 227 -4.06 -4.38 15.51
CA THR A 227 -5.51 -4.25 15.51
C THR A 227 -5.93 -2.95 16.15
N ARG A 228 -6.94 -2.34 15.56
CA ARG A 228 -7.48 -1.10 16.12
C ARG A 228 -8.76 -1.40 16.89
N HIS A 229 -8.87 -0.80 18.06
CA HIS A 229 -10.11 -0.85 18.81
C HIS A 229 -10.83 0.51 18.72
N ILE A 230 -12.10 0.53 18.30
CA ILE A 230 -12.89 1.76 18.35
C ILE A 230 -13.13 2.24 19.79
N ARG A 231 -12.61 3.40 20.15
CA ARG A 231 -12.80 3.95 21.49
C ARG A 231 -14.27 4.22 21.68
N HIS A 232 -14.82 3.80 22.81
CA HIS A 232 -16.23 4.00 23.16
C HIS A 232 -16.28 4.03 24.68
N SER A 233 -17.39 4.49 25.24
CA SER A 233 -17.54 4.51 26.71
C SER A 233 -18.28 3.28 27.14
N ARG A 234 -18.50 3.15 28.44
CA ARG A 234 -19.10 1.91 28.94
C ARG A 234 -20.53 1.66 28.42
N ASP A 235 -20.81 0.42 28.01
CA ASP A 235 -22.17 -0.01 27.81
C ASP A 235 -22.82 -0.18 29.19
N LYS A 236 -24.06 0.28 29.37
CA LYS A 236 -24.82 -0.11 30.56
C LYS A 236 -25.27 -1.58 30.37
N LYS A 237 -25.54 -2.29 31.46
CA LYS A 237 -25.99 -3.69 31.40
C LYS A 237 -24.88 -4.65 30.97
N ASN A 238 -23.63 -4.25 31.19
CA ASN A 238 -22.50 -5.14 31.06
C ASN A 238 -21.40 -4.81 32.05
N GLU A 239 -21.81 -4.64 33.30
CA GLU A 239 -20.93 -4.36 34.42
C GLU A 239 -20.02 -5.54 34.70
N PRO A 240 -18.78 -5.25 35.16
CA PRO A 240 -17.87 -6.31 35.58
C PRO A 240 -18.60 -7.36 36.40
N ASN A 241 -18.55 -8.60 35.93
CA ASN A 241 -19.05 -9.73 36.65
C ASN A 241 -18.15 -10.02 37.85
N PRO A 242 -18.66 -9.86 39.08
CA PRO A 242 -17.79 -10.08 40.25
C PRO A 242 -17.51 -11.57 40.54
N GLN A 243 -18.24 -12.50 39.93
CA GLN A 243 -17.95 -13.92 40.12
C GLN A 243 -16.99 -14.51 39.07
N ARG A 244 -16.47 -13.63 38.22
CA ARG A 244 -15.58 -14.05 37.15
C ARG A 244 -14.31 -14.76 37.65
N PHE A 245 -13.76 -14.32 38.80
CA PHE A 245 -12.52 -14.90 39.31
C PHE A 245 -12.70 -16.31 39.88
N ASP A 246 -13.86 -16.58 40.53
CA ASP A 246 -14.18 -17.96 40.91
C ASP A 246 -14.48 -18.75 39.69
N ARG A 247 -15.18 -18.15 38.74
CA ARG A 247 -15.59 -18.91 37.61
C ARG A 247 -14.41 -19.49 36.81
N ILE A 248 -13.35 -18.71 36.58
CA ILE A 248 -12.21 -19.14 35.76
C ILE A 248 -11.32 -20.16 36.49
N ALA A 249 -11.35 -20.12 37.82
CA ALA A 249 -10.63 -21.08 38.63
C ALA A 249 -11.25 -22.48 38.59
N HIS A 250 -12.45 -22.66 38.03
CA HIS A 250 -13.05 -23.99 38.08
C HIS A 250 -13.41 -24.53 36.74
N THR A 251 -12.88 -23.93 35.67
CA THR A 251 -13.31 -24.28 34.29
C THR A 251 -13.20 -25.76 34.03
N LYS A 252 -12.17 -26.40 34.59
CA LYS A 252 -11.90 -27.77 34.20
C LYS A 252 -13.10 -28.64 34.54
N GLU A 253 -13.68 -28.41 35.70
CA GLU A 253 -14.88 -29.13 36.07
C GLU A 253 -16.12 -28.58 35.33
N THR A 254 -16.35 -27.27 35.39
CA THR A 254 -17.60 -26.74 34.85
C THR A 254 -17.77 -26.95 33.32
N MET A 255 -16.68 -27.11 32.57
CA MET A 255 -16.78 -27.16 31.13
C MET A 255 -17.38 -28.44 30.69
N LEU A 256 -17.25 -29.44 31.55
CA LEU A 256 -17.85 -30.74 31.32
C LEU A 256 -19.37 -30.64 31.06
N SER A 257 -20.05 -29.79 31.79
CA SER A 257 -21.48 -29.82 31.64
C SER A 257 -22.10 -28.44 31.37
N ASP A 258 -21.25 -27.44 31.09
CA ASP A 258 -21.74 -26.11 30.74
C ASP A 258 -21.18 -25.59 29.40
N GLY A 259 -22.06 -25.35 28.43
CA GLY A 259 -21.62 -24.95 27.10
C GLY A 259 -22.63 -25.47 26.10
N LEU A 260 -22.13 -25.97 24.99
CA LEU A 260 -23.00 -26.47 23.94
C LEU A 260 -23.99 -27.48 24.47
N ASN A 261 -23.52 -28.40 25.30
CA ASN A 261 -24.37 -29.46 25.81
C ASN A 261 -25.32 -29.00 26.94
N SER A 262 -25.35 -27.73 27.32
CA SER A 262 -26.38 -27.23 28.19
C SER A 262 -27.06 -25.93 27.66
N LEU A 263 -26.94 -25.67 26.36
CA LEU A 263 -27.41 -24.42 25.75
C LEU A 263 -28.90 -24.50 25.34
N THR A 264 -29.70 -23.51 25.74
CA THR A 264 -30.97 -23.22 25.04
C THR A 264 -31.10 -21.71 24.85
N TYR A 265 -31.89 -21.35 23.83
CA TYR A 265 -32.18 -19.96 23.50
C TYR A 265 -33.42 -19.96 22.60
N GLN A 266 -34.00 -18.79 22.38
CA GLN A 266 -35.18 -18.67 21.56
C GLN A 266 -34.84 -17.55 20.55
N VAL A 267 -34.67 -17.94 19.29
CA VAL A 267 -34.47 -16.99 18.24
C VAL A 267 -35.80 -16.24 18.05
N LEU A 268 -35.78 -14.90 18.14
CA LEU A 268 -36.97 -14.06 17.91
C LEU A 268 -37.11 -13.61 16.45
N ASP A 269 -35.97 -13.45 15.76
CA ASP A 269 -35.99 -12.93 14.41
C ASP A 269 -34.65 -13.14 13.73
N VAL A 270 -34.70 -13.45 12.44
CA VAL A 270 -33.55 -13.53 11.53
C VAL A 270 -33.72 -12.56 10.34
N GLN A 271 -32.84 -11.56 10.20
CA GLN A 271 -32.92 -10.58 9.10
CA GLN A 271 -32.91 -10.56 9.13
C GLN A 271 -31.76 -10.78 8.14
N ARG A 272 -32.05 -11.03 6.87
CA ARG A 272 -30.95 -11.07 5.91
C ARG A 272 -30.69 -9.68 5.36
N TYR A 273 -29.82 -8.89 5.99
CA TYR A 273 -29.35 -7.70 5.33
C TYR A 273 -28.35 -7.97 4.20
N PRO A 274 -28.10 -6.96 3.34
CA PRO A 274 -27.18 -7.26 2.22
C PRO A 274 -25.76 -7.64 2.74
N LEU A 275 -25.32 -7.00 3.83
CA LEU A 275 -23.96 -7.24 4.29
C LEU A 275 -23.81 -8.21 5.52
N TYR A 276 -24.91 -8.71 6.05
CA TYR A 276 -24.86 -9.59 7.22
C TYR A 276 -26.24 -10.14 7.53
N THR A 277 -26.25 -11.32 8.16
CA THR A 277 -27.43 -11.93 8.73
C THR A 277 -27.52 -11.50 10.20
N GLN A 278 -28.63 -10.92 10.63
CA GLN A 278 -28.74 -10.59 12.06
C GLN A 278 -29.75 -11.54 12.73
N ILE A 279 -29.28 -12.22 13.78
CA ILE A 279 -30.11 -13.17 14.51
C ILE A 279 -30.43 -12.49 15.82
N THR A 280 -31.70 -12.15 16.00
CA THR A 280 -32.14 -11.58 17.28
C THR A 280 -32.64 -12.74 18.15
N VAL A 281 -32.12 -12.78 19.38
CA VAL A 281 -32.21 -13.99 20.18
C VAL A 281 -32.45 -13.67 21.65
N ASP A 282 -33.36 -14.45 22.22
CA ASP A 282 -33.64 -14.35 23.64
C ASP A 282 -32.75 -15.42 24.30
N ILE A 283 -31.80 -14.95 25.10
CA ILE A 283 -30.86 -15.86 25.80
C ILE A 283 -31.09 -15.89 27.30
N GLY A 284 -32.10 -15.16 27.76
CA GLY A 284 -32.58 -15.31 29.13
C GLY A 284 -31.76 -14.48 30.05
N THR A 285 -31.88 -14.79 31.34
CA THR A 285 -31.18 -14.14 32.43
C THR A 285 -30.56 -15.24 33.32
N PRO A 286 -29.72 -14.85 34.30
CA PRO A 286 -29.03 -15.91 35.04
C PRO A 286 -29.97 -16.93 35.69
N SER A 287 -29.55 -18.18 35.69
CA SER A 287 -30.28 -19.17 36.42
C SER A 287 -29.46 -19.74 37.59
N SER B 15 2.00 2.86 34.18
CA SER B 15 1.03 3.50 33.24
C SER B 15 1.31 3.04 31.80
N LEU B 16 1.61 3.97 30.87
CA LEU B 16 1.71 3.62 29.44
C LEU B 16 2.97 2.81 29.11
N PRO B 17 2.85 1.79 28.26
CA PRO B 17 4.04 1.03 27.85
C PRO B 17 4.89 1.75 26.79
N ALA B 18 6.14 1.33 26.61
CA ALA B 18 7.00 1.87 25.58
C ALA B 18 6.46 1.39 24.23
N CYS B 19 6.49 2.23 23.20
CA CYS B 19 6.04 1.81 21.88
C CYS B 19 6.95 0.65 21.46
N PRO B 20 6.50 -0.22 20.55
CA PRO B 20 7.42 -1.24 20.07
C PRO B 20 8.62 -0.49 19.54
N GLU B 21 9.77 -1.15 19.45
CA GLU B 21 10.99 -0.50 19.02
C GLU B 21 10.94 0.04 17.61
N GLU B 22 10.36 -0.72 16.71
CA GLU B 22 10.01 -0.18 15.43
C GLU B 22 8.48 -0.18 15.32
N SER B 23 7.96 0.82 14.64
CA SER B 23 6.55 0.99 14.59
C SER B 23 5.89 -0.11 13.76
N PRO B 24 4.76 -0.68 14.27
CA PRO B 24 3.99 -1.63 13.52
C PRO B 24 3.07 -1.02 12.47
N LEU B 25 2.87 0.30 12.51
CA LEU B 25 1.90 0.96 11.62
C LEU B 25 2.36 1.24 10.18
N LEU B 26 3.63 1.00 9.88
CA LEU B 26 4.35 1.54 8.71
C LEU B 26 3.89 0.86 7.44
N VAL B 27 3.73 1.61 6.34
CA VAL B 27 3.30 1.01 5.06
C VAL B 27 4.33 0.95 3.96
N GLY B 28 5.51 1.51 4.21
CA GLY B 28 6.61 1.48 3.23
C GLY B 28 6.43 2.56 2.18
N PRO B 29 6.50 2.18 0.90
CA PRO B 29 6.48 3.13 -0.21
C PRO B 29 5.14 3.78 -0.44
N MET B 30 5.14 5.08 -0.69
CA MET B 30 3.94 5.87 -0.76
C MET B 30 3.96 6.59 -2.08
N LEU B 31 2.78 7.02 -2.51
CA LEU B 31 2.70 7.72 -3.75
C LEU B 31 2.77 9.20 -3.41
N ILE B 32 3.71 9.92 -4.02
CA ILE B 32 3.95 11.31 -3.69
C ILE B 32 3.72 12.17 -4.93
N GLU B 33 2.92 13.24 -4.79
CA GLU B 33 2.71 14.14 -5.90
C GLU B 33 2.38 15.59 -5.53
N PHE B 34 2.71 16.50 -6.43
CA PHE B 34 2.72 17.93 -6.14
C PHE B 34 1.92 18.79 -7.14
N ASN B 35 0.93 18.19 -7.79
CA ASN B 35 0.13 18.92 -8.80
C ASN B 35 -1.28 19.29 -8.34
N MET B 36 -1.55 19.24 -7.04
CA MET B 36 -2.89 19.56 -6.55
C MET B 36 -2.82 20.63 -5.49
N PRO B 37 -3.90 21.40 -5.36
CA PRO B 37 -3.81 22.41 -4.32
C PRO B 37 -3.94 21.70 -2.98
N VAL B 38 -3.47 22.32 -1.91
CA VAL B 38 -3.56 21.67 -0.62
C VAL B 38 -4.26 22.66 0.24
N ASP B 39 -5.16 22.18 1.08
CA ASP B 39 -5.87 23.06 1.95
C ASP B 39 -5.53 22.69 3.42
N LEU B 40 -4.84 23.56 4.14
CA LEU B 40 -4.32 23.23 5.46
C LEU B 40 -5.41 23.01 6.49
N GLU B 41 -6.59 23.59 6.27
CA GLU B 41 -7.79 23.27 7.05
C GLU B 41 -8.24 21.80 6.94
N LEU B 42 -8.19 21.30 5.72
CA LEU B 42 -8.49 19.91 5.46
C LEU B 42 -7.38 19.04 6.08
N VAL B 43 -6.12 19.50 5.97
CA VAL B 43 -5.02 18.69 6.41
C VAL B 43 -5.16 18.52 7.92
N ALA B 44 -5.53 19.57 8.64
CA ALA B 44 -5.72 19.45 10.07
C ALA B 44 -6.90 18.52 10.37
N LYS B 45 -7.90 18.49 9.47
CA LYS B 45 -9.04 17.62 9.72
C LYS B 45 -8.70 16.15 9.53
N GLN B 46 -7.83 15.88 8.58
CA GLN B 46 -7.28 14.56 8.35
C GLN B 46 -6.23 14.18 9.40
N ASN B 47 -5.81 15.13 10.23
CA ASN B 47 -4.84 14.82 11.26
C ASN B 47 -5.32 15.28 12.59
N PRO B 48 -6.43 14.66 13.05
CA PRO B 48 -7.09 15.28 14.19
C PRO B 48 -6.27 15.14 15.45
N ASN B 49 -5.35 14.17 15.52
CA ASN B 49 -4.57 13.99 16.77
C ASN B 49 -3.39 14.96 16.91
N VAL B 50 -3.06 15.69 15.84
CA VAL B 50 -2.03 16.74 15.95
C VAL B 50 -2.59 17.95 16.68
N LYS B 51 -1.90 18.36 17.73
CA LYS B 51 -2.31 19.45 18.56
C LYS B 51 -1.66 20.75 18.13
N MET B 52 -2.14 21.84 18.72
CA MET B 52 -1.80 23.21 18.34
C MET B 52 -0.30 23.39 18.39
N GLY B 53 0.25 24.06 17.37
CA GLY B 53 1.71 24.17 17.25
C GLY B 53 2.35 23.04 16.47
N GLY B 54 1.54 22.13 15.94
CA GLY B 54 2.00 20.92 15.26
C GLY B 54 2.67 19.89 16.17
N ARG B 55 2.04 19.56 17.31
CA ARG B 55 2.66 18.70 18.28
C ARG B 55 1.87 17.43 18.34
N TYR B 56 2.58 16.32 18.51
CA TYR B 56 1.90 15.05 18.55
C TYR B 56 2.73 14.07 19.34
N ALA B 57 2.05 13.19 20.06
CA ALA B 57 2.71 12.04 20.71
C ALA B 57 1.67 10.92 20.76
N PRO B 58 2.08 9.67 20.55
CA PRO B 58 1.09 8.59 20.54
C PRO B 58 0.26 8.49 21.85
N ARG B 59 -1.00 8.15 21.70
CA ARG B 59 -1.90 8.04 22.84
C ARG B 59 -1.74 6.70 23.57
N ASP B 60 -1.33 5.67 22.85
CA ASP B 60 -1.28 4.32 23.40
C ASP B 60 0.05 3.81 23.93
N CYS B 61 1.15 4.54 23.74
CA CYS B 61 2.46 4.10 24.20
C CYS B 61 3.42 5.26 24.21
N VAL B 62 4.56 5.08 24.88
CA VAL B 62 5.52 6.16 25.10
C VAL B 62 6.68 6.01 24.10
N SER B 63 6.90 7.05 23.31
CA SER B 63 8.03 7.10 22.39
C SER B 63 9.34 7.48 23.08
N PRO B 64 10.44 6.78 22.72
CA PRO B 64 11.74 7.34 23.18
C PRO B 64 12.25 8.41 22.23
N HIS B 65 11.58 8.60 21.09
CA HIS B 65 11.99 9.69 20.19
C HIS B 65 11.27 11.00 20.45
N LYS B 66 11.98 11.95 21.05
CA LYS B 66 11.48 13.30 21.31
C LYS B 66 12.14 14.25 20.31
N VAL B 67 11.37 14.52 19.24
CA VAL B 67 11.94 15.02 18.02
C VAL B 67 11.40 16.40 17.67
N ALA B 68 12.29 17.37 17.47
CA ALA B 68 11.92 18.70 16.89
C ALA B 68 12.27 18.65 15.40
N ILE B 69 11.29 18.80 14.51
CA ILE B 69 11.57 18.95 13.09
C ILE B 69 11.67 20.45 12.75
N ILE B 70 12.85 20.86 12.27
CA ILE B 70 13.19 22.26 12.10
C ILE B 70 13.33 22.49 10.58
N ILE B 71 12.61 23.49 10.05
CA ILE B 71 12.55 23.70 8.63
C ILE B 71 12.99 25.15 8.38
N PRO B 72 14.07 25.37 7.61
CA PRO B 72 14.48 26.77 7.45
C PRO B 72 13.62 27.33 6.36
N PHE B 73 13.29 28.61 6.49
CA PHE B 73 12.16 29.11 5.65
C PHE B 73 12.18 30.56 5.28
N ARG B 74 11.83 30.81 4.01
CA ARG B 74 11.33 32.13 3.55
C ARG B 74 10.60 32.00 2.24
N ASN B 75 9.37 32.56 2.18
CA ASN B 75 8.58 32.65 0.96
C ASN B 75 8.45 31.31 0.29
N ARG B 76 8.06 30.29 1.03
CA ARG B 76 7.83 28.99 0.41
C ARG B 76 6.55 28.39 0.99
N GLN B 77 5.49 29.18 1.08
CA GLN B 77 4.25 28.68 1.67
C GLN B 77 3.68 27.47 0.90
N GLU B 78 3.71 27.52 -0.42
CA GLU B 78 3.10 26.44 -1.16
C GLU B 78 3.86 25.14 -0.88
N HIS B 79 5.18 25.22 -0.75
CA HIS B 79 5.95 24.01 -0.43
C HIS B 79 5.61 23.50 0.92
N LEU B 80 5.54 24.39 1.91
CA LEU B 80 5.28 23.98 3.24
C LEU B 80 3.93 23.23 3.23
N LYS B 81 2.96 23.65 2.42
CA LYS B 81 1.63 23.03 2.57
C LYS B 81 1.75 21.56 2.15
N TYR B 82 2.50 21.30 1.06
CA TYR B 82 2.80 19.95 0.66
C TYR B 82 3.59 19.19 1.74
N TRP B 83 4.56 19.87 2.34
CA TRP B 83 5.35 19.21 3.35
C TRP B 83 4.45 18.70 4.48
N LEU B 84 3.61 19.58 4.98
CA LEU B 84 2.78 19.26 6.14
C LEU B 84 1.78 18.15 5.76
N TYR B 85 1.20 18.26 4.58
CA TYR B 85 0.33 17.22 4.07
C TYR B 85 0.97 15.84 3.99
N TYR B 86 2.22 15.74 3.56
CA TYR B 86 2.83 14.44 3.45
C TYR B 86 3.43 13.99 4.77
N LEU B 87 4.11 14.90 5.45
CA LEU B 87 4.88 14.46 6.61
C LEU B 87 4.05 14.13 7.83
N HIS B 88 3.03 14.91 8.13
CA HIS B 88 2.29 14.65 9.36
C HIS B 88 1.78 13.19 9.54
N PRO B 89 1.19 12.59 8.48
CA PRO B 89 0.74 11.20 8.62
C PRO B 89 1.91 10.27 8.87
N VAL B 90 3.06 10.58 8.26
CA VAL B 90 4.27 9.76 8.40
C VAL B 90 4.84 9.89 9.81
N LEU B 91 4.96 11.11 10.32
CA LEU B 91 5.55 11.25 11.63
C LEU B 91 4.69 10.49 12.67
N GLN B 92 3.35 10.53 12.53
CA GLN B 92 2.46 9.81 13.44
C GLN B 92 2.57 8.30 13.28
N ARG B 93 2.66 7.82 12.03
CA ARG B 93 2.82 6.39 11.83
C ARG B 93 4.13 5.89 12.45
N GLN B 94 5.17 6.74 12.48
CA GLN B 94 6.44 6.31 13.08
C GLN B 94 6.41 6.43 14.61
N GLN B 95 5.30 6.86 15.18
CA GLN B 95 5.19 6.84 16.67
C GLN B 95 6.14 7.73 17.37
N LEU B 96 6.34 8.92 16.80
CA LEU B 96 7.26 9.89 17.37
C LEU B 96 6.50 10.87 18.27
N ASP B 97 7.19 11.36 19.30
CA ASP B 97 6.74 12.45 20.12
C ASP B 97 7.45 13.66 19.48
N TYR B 98 6.71 14.46 18.71
CA TYR B 98 7.34 15.41 17.81
C TYR B 98 6.63 16.75 17.81
N GLY B 99 7.38 17.74 17.32
CA GLY B 99 6.85 19.06 16.98
C GLY B 99 7.48 19.65 15.73
N ILE B 100 6.73 20.51 15.06
CA ILE B 100 7.17 21.10 13.85
C ILE B 100 7.47 22.56 14.03
N TYR B 101 8.66 22.98 13.60
CA TYR B 101 9.09 24.38 13.68
C TYR B 101 9.60 24.90 12.35
N VAL B 102 8.90 25.89 11.82
CA VAL B 102 9.30 26.66 10.65
C VAL B 102 10.01 27.91 11.14
N ILE B 103 11.29 28.02 10.78
CA ILE B 103 12.13 29.13 11.17
C ILE B 103 12.11 30.05 9.99
N ASN B 104 11.30 31.08 10.10
CA ASN B 104 11.00 32.02 9.02
C ASN B 104 11.97 33.20 9.13
N GLN B 105 12.76 33.31 8.09
CA GLN B 105 13.72 34.43 8.00
C GLN B 105 13.05 35.77 7.68
N ALA B 106 13.17 36.73 8.60
CA ALA B 106 12.64 38.08 8.40
C ALA B 106 13.45 38.87 7.38
N GLY B 107 12.81 39.81 6.70
CA GLY B 107 13.51 40.78 5.85
C GLY B 107 13.70 40.25 4.44
N ASP B 108 14.42 41.04 3.65
CA ASP B 108 14.66 40.81 2.24
C ASP B 108 16.17 40.70 1.86
N THR B 109 17.01 40.47 2.83
CA THR B 109 18.43 40.24 2.46
C THR B 109 18.79 38.74 2.32
N ILE B 110 20.07 38.48 2.12
CA ILE B 110 20.51 37.18 1.60
C ILE B 110 20.16 36.11 2.66
N PHE B 111 19.60 35.01 2.17
CA PHE B 111 19.23 33.87 3.01
C PHE B 111 20.42 33.20 3.72
N ASN B 112 20.15 32.73 4.93
CA ASN B 112 21.16 31.98 5.64
C ASN B 112 20.58 30.73 6.24
N ARG B 113 20.52 29.68 5.44
CA ARG B 113 20.01 28.39 5.89
C ARG B 113 20.47 27.85 7.23
N ALA B 114 21.78 27.75 7.43
CA ALA B 114 22.33 27.07 8.62
C ALA B 114 22.06 27.89 9.88
N LYS B 115 22.10 29.21 9.76
CA LYS B 115 21.80 30.05 10.93
C LYS B 115 20.34 29.80 11.38
N LEU B 116 19.44 29.61 10.41
CA LEU B 116 18.01 29.44 10.72
C LEU B 116 17.88 28.08 11.44
N LEU B 117 18.61 27.05 10.96
CA LEU B 117 18.62 25.76 11.67
C LEU B 117 19.07 25.93 13.12
N ASN B 118 20.11 26.73 13.37
CA ASN B 118 20.61 26.94 14.74
C ASN B 118 19.51 27.57 15.59
N VAL B 119 18.80 28.54 15.03
CA VAL B 119 17.71 29.18 15.72
C VAL B 119 16.66 28.17 16.16
N GLY B 120 16.24 27.30 15.22
CA GLY B 120 15.28 26.27 15.46
C GLY B 120 15.71 25.42 16.60
N PHE B 121 17.00 25.02 16.62
CA PHE B 121 17.47 24.17 17.69
C PHE B 121 17.27 24.86 19.02
N GLN B 122 17.81 26.08 19.12
CA GLN B 122 17.75 26.81 20.40
C GLN B 122 16.31 27.16 20.83
N GLU B 123 15.43 27.51 19.87
CA GLU B 123 14.05 27.91 20.20
C GLU B 123 13.12 26.73 20.53
N ALA B 124 13.20 25.65 19.77
CA ALA B 124 12.47 24.41 20.12
C ALA B 124 12.74 23.97 21.54
N LEU B 125 13.99 24.03 21.97
CA LEU B 125 14.27 23.61 23.36
C LEU B 125 13.54 24.42 24.45
N LYS B 126 13.10 25.63 24.15
CA LYS B 126 12.28 26.43 25.09
C LYS B 126 10.87 25.88 25.32
N ASP B 127 10.39 25.07 24.38
CA ASP B 127 9.07 24.49 24.43
C ASP B 127 9.02 23.18 25.18
N TYR B 128 10.07 22.36 25.11
CA TYR B 128 9.99 20.93 25.48
C TYR B 128 11.39 20.33 25.47
N ASP B 129 11.66 19.34 26.33
CA ASP B 129 13.01 18.76 26.38
CA ASP B 129 13.00 18.75 26.34
C ASP B 129 13.19 17.76 25.20
N TYR B 130 13.26 18.30 23.99
CA TYR B 130 13.55 17.47 22.79
C TYR B 130 14.98 16.88 22.92
N THR B 131 15.21 15.66 22.43
CA THR B 131 16.57 15.12 22.46
C THR B 131 17.03 14.74 21.07
N CYS B 132 16.25 15.08 20.07
CA CYS B 132 16.61 14.70 18.73
C CYS B 132 16.09 15.82 17.81
N PHE B 133 16.87 16.14 16.78
CA PHE B 133 16.58 17.28 15.93
C PHE B 133 16.69 16.87 14.49
N VAL B 134 15.57 16.96 13.78
CA VAL B 134 15.59 16.70 12.36
C VAL B 134 15.65 18.06 11.63
N PHE B 135 16.63 18.26 10.73
CA PHE B 135 16.67 19.44 9.90
C PHE B 135 16.19 19.06 8.49
N SER B 136 15.06 19.60 8.07
CA SER B 136 14.52 19.21 6.77
C SER B 136 14.28 20.43 5.89
N ASP B 137 14.80 20.43 4.68
CA ASP B 137 14.40 21.47 3.80
C ASP B 137 12.90 21.34 3.59
N VAL B 138 12.28 22.44 3.21
CA VAL B 138 10.84 22.48 3.13
C VAL B 138 10.36 21.77 1.86
N ASP B 139 11.26 21.50 0.92
CA ASP B 139 10.81 20.94 -0.36
C ASP B 139 11.19 19.46 -0.57
N LEU B 140 11.50 18.78 0.54
CA LEU B 140 11.87 17.37 0.43
C LEU B 140 10.86 16.50 1.16
N ILE B 141 10.31 15.54 0.42
CA ILE B 141 9.32 14.63 0.95
C ILE B 141 9.80 13.18 0.85
N PRO B 142 9.82 12.44 1.98
CA PRO B 142 10.25 11.02 1.91
C PRO B 142 9.24 10.13 1.18
N MET B 143 9.71 9.15 0.38
CA MET B 143 8.80 8.30 -0.38
C MET B 143 8.44 7.01 0.32
N ASN B 144 9.13 6.68 1.42
CA ASN B 144 8.95 5.42 2.13
C ASN B 144 8.95 5.70 3.63
N ASP B 145 7.89 5.31 4.35
CA ASP B 145 7.77 5.68 5.74
C ASP B 145 8.71 4.86 6.62
N HIS B 146 9.42 3.88 6.05
CA HIS B 146 10.48 3.20 6.82
C HIS B 146 11.72 4.06 6.99
N ASN B 147 11.73 5.26 6.39
CA ASN B 147 12.86 6.17 6.57
C ASN B 147 12.67 6.98 7.87
N ALA B 148 13.25 6.52 8.95
CA ALA B 148 12.92 7.06 10.28
C ALA B 148 13.30 8.52 10.39
N TYR B 149 12.33 9.38 10.68
CA TYR B 149 12.65 10.78 10.98
C TYR B 149 12.99 10.91 12.46
N ARG B 150 14.08 10.28 12.88
CA ARG B 150 14.60 10.45 14.24
C ARG B 150 16.11 10.07 14.29
N CYS B 151 16.68 10.06 15.51
CA CYS B 151 18.10 10.07 15.75
C CYS B 151 18.66 8.67 16.00
N PHE B 152 19.93 8.51 15.67
CA PHE B 152 20.62 7.23 15.72
C PHE B 152 21.88 7.44 16.53
N SER B 153 22.65 6.37 16.76
CA SER B 153 23.80 6.53 17.66
C SER B 153 24.90 7.32 16.93
N GLN B 154 24.87 7.32 15.61
CA GLN B 154 25.62 8.27 14.80
C GLN B 154 24.68 9.34 14.13
N PRO B 155 25.21 10.51 13.74
CA PRO B 155 24.39 11.47 13.01
C PRO B 155 23.79 10.86 11.75
N ARG B 156 22.52 11.16 11.45
CA ARG B 156 21.77 10.42 10.44
C ARG B 156 21.50 11.30 9.21
N HIS B 157 21.80 10.79 8.04
CA HIS B 157 21.50 11.46 6.82
C HIS B 157 20.28 10.81 6.20
N ILE B 158 19.21 11.59 6.03
CA ILE B 158 17.88 10.99 5.81
C ILE B 158 17.53 10.98 4.34
N SER B 159 17.83 12.09 3.65
CA SER B 159 17.37 12.23 2.26
C SER B 159 18.48 11.70 1.34
N VAL B 160 18.61 10.38 1.28
CA VAL B 160 19.80 9.80 0.69
C VAL B 160 19.63 9.53 -0.79
N ALA B 161 18.40 9.37 -1.28
CA ALA B 161 18.24 9.07 -2.71
C ALA B 161 17.17 10.00 -3.27
N MET B 162 17.52 11.25 -3.51
CA MET B 162 16.63 12.27 -4.04
C MET B 162 16.43 12.11 -5.53
N ASP B 163 15.17 12.24 -5.98
CA ASP B 163 14.94 12.14 -7.43
C ASP B 163 15.86 13.10 -8.17
N LYS B 164 16.06 14.30 -7.63
CA LYS B 164 16.79 15.26 -8.44
C LYS B 164 18.26 14.93 -8.53
N PHE B 165 18.70 13.89 -7.80
CA PHE B 165 20.05 13.39 -7.96
C PHE B 165 20.08 12.00 -8.55
N GLY B 166 19.11 11.67 -9.40
CA GLY B 166 19.08 10.34 -10.00
C GLY B 166 18.82 9.25 -8.97
N PHE B 167 18.04 9.56 -7.94
CA PHE B 167 17.77 8.57 -6.89
C PHE B 167 19.04 7.96 -6.28
N SER B 168 20.11 8.75 -6.20
CA SER B 168 21.19 8.36 -5.31
C SER B 168 21.91 9.53 -4.65
N LEU B 169 23.03 9.29 -4.01
CA LEU B 169 23.77 10.40 -3.42
C LEU B 169 24.55 11.13 -4.49
N PRO B 170 24.53 12.47 -4.49
CA PRO B 170 25.35 13.12 -5.52
C PRO B 170 26.86 13.00 -5.24
N TYR B 171 27.26 12.80 -3.99
CA TYR B 171 28.64 12.41 -3.66
C TYR B 171 28.56 11.83 -2.27
N VAL B 172 29.51 10.96 -1.89
CA VAL B 172 29.33 10.15 -0.68
C VAL B 172 29.44 10.99 0.59
N GLN B 173 29.98 12.20 0.50
CA GLN B 173 30.00 13.05 1.76
C GLN B 173 28.84 14.05 1.83
N TYR B 174 27.94 13.96 0.87
CA TYR B 174 26.75 14.83 0.83
C TYR B 174 25.91 14.67 2.09
N PHE B 175 25.73 15.76 2.82
CA PHE B 175 24.94 15.73 4.07
C PHE B 175 23.76 16.75 3.95
N GLY B 176 23.37 17.09 2.75
CA GLY B 176 22.30 18.08 2.55
C GLY B 176 20.89 17.49 2.62
N GLY B 177 19.90 18.38 2.70
CA GLY B 177 18.49 18.04 2.44
C GLY B 177 17.82 17.77 3.76
N VAL B 178 17.89 16.50 4.20
CA VAL B 178 17.22 16.12 5.45
C VAL B 178 18.19 15.33 6.30
N SER B 179 18.30 15.70 7.57
CA SER B 179 19.21 14.98 8.45
C SER B 179 18.77 15.07 9.91
N ALA B 180 19.25 14.17 10.76
CA ALA B 180 18.89 14.20 12.17
C ALA B 180 20.11 14.12 13.07
N LEU B 181 20.15 14.92 14.13
CA LEU B 181 21.24 14.84 15.07
C LEU B 181 20.66 14.86 16.48
N SER B 182 21.14 13.96 17.35
CA SER B 182 20.71 13.94 18.77
C SER B 182 21.13 15.28 19.34
N LYS B 183 20.51 15.66 20.46
CA LYS B 183 20.99 16.83 21.19
C LYS B 183 22.51 16.80 21.36
N GLN B 184 23.02 15.69 21.89
CA GLN B 184 24.47 15.58 22.14
C GLN B 184 25.35 15.70 20.88
N GLN B 185 25.02 15.00 19.80
CA GLN B 185 25.69 15.23 18.52
C GLN B 185 25.76 16.69 18.15
N PHE B 186 24.64 17.41 18.22
CA PHE B 186 24.61 18.81 17.80
C PHE B 186 25.52 19.62 18.70
N LEU B 187 25.38 19.45 20.01
CA LEU B 187 26.23 20.24 20.92
C LEU B 187 27.73 19.93 20.66
N THR B 188 28.08 18.65 20.42
CA THR B 188 29.50 18.30 20.30
C THR B 188 30.18 19.09 19.18
N ILE B 189 29.45 19.41 18.11
CA ILE B 189 30.06 20.14 16.99
C ILE B 189 29.82 21.63 17.13
N ASN B 190 29.48 22.09 18.35
CA ASN B 190 29.11 23.48 18.53
C ASN B 190 28.04 23.94 17.50
N GLY B 191 27.12 23.06 17.13
CA GLY B 191 26.00 23.44 16.27
C GLY B 191 26.49 23.74 14.86
N PHE B 192 25.73 24.50 14.08
CA PHE B 192 26.08 24.74 12.70
C PHE B 192 26.76 26.10 12.54
N PRO B 193 27.47 26.29 11.44
CA PRO B 193 28.09 27.61 11.24
C PRO B 193 27.04 28.74 10.95
N ASN B 194 27.35 29.96 11.41
CA ASN B 194 26.52 31.19 11.22
C ASN B 194 26.86 32.09 10.03
N ASN B 195 28.00 31.85 9.40
CA ASN B 195 28.46 32.80 8.42
C ASN B 195 28.47 32.25 7.02
N TYR B 196 27.59 31.30 6.73
CA TYR B 196 27.36 30.90 5.34
C TYR B 196 26.14 31.62 4.78
N TRP B 197 26.38 32.63 3.97
CA TRP B 197 25.27 33.47 3.50
C TRP B 197 25.07 33.10 2.03
N GLY B 198 23.85 32.85 1.61
CA GLY B 198 23.65 32.48 0.19
C GLY B 198 23.78 30.97 0.06
N TRP B 199 23.64 30.46 -1.16
CA TRP B 199 23.50 29.04 -1.40
C TRP B 199 24.87 28.32 -1.36
N GLY B 200 24.94 27.12 -0.78
CA GLY B 200 26.09 26.23 -1.01
C GLY B 200 27.04 26.12 0.16
N GLY B 201 27.47 24.89 0.43
CA GLY B 201 28.58 24.57 1.35
C GLY B 201 28.29 24.42 2.82
N GLU B 202 27.17 24.97 3.33
CA GLU B 202 26.97 24.96 4.78
C GLU B 202 26.77 23.51 5.23
N ASP B 203 26.27 22.70 4.31
CA ASP B 203 26.00 21.33 4.64
C ASP B 203 27.32 20.51 4.65
N ASP B 204 28.25 20.87 3.74
CA ASP B 204 29.56 20.23 3.76
C ASP B 204 30.33 20.66 5.02
N ASP B 205 30.06 21.86 5.49
CA ASP B 205 30.76 22.37 6.69
C ASP B 205 30.27 21.50 7.82
N ILE B 206 28.99 21.12 7.78
CA ILE B 206 28.38 20.40 8.92
C ILE B 206 28.89 18.98 8.89
N PHE B 207 28.99 18.37 7.73
CA PHE B 207 29.68 17.09 7.59
C PHE B 207 31.07 17.16 8.20
N ASN B 208 31.86 18.16 7.79
CA ASN B 208 33.24 18.29 8.28
C ASN B 208 33.25 18.39 9.80
N ARG B 209 32.33 19.15 10.38
CA ARG B 209 32.36 19.30 11.85
C ARG B 209 32.15 17.93 12.48
N LEU B 210 31.27 17.12 11.90
CA LEU B 210 30.92 15.82 12.53
C LEU B 210 32.12 14.88 12.46
N VAL B 211 32.82 14.92 11.35
CA VAL B 211 33.94 14.07 11.17
C VAL B 211 35.08 14.50 12.05
N PHE B 212 35.30 15.79 12.21
CA PHE B 212 36.30 16.26 13.15
C PHE B 212 36.06 15.93 14.60
N ARG B 213 34.81 15.67 14.97
CA ARG B 213 34.53 15.18 16.31
C ARG B 213 34.39 13.68 16.32
N GLY B 214 34.84 12.97 15.27
CA GLY B 214 35.05 11.52 15.35
C GLY B 214 33.79 10.73 15.09
N MET B 215 32.79 11.39 14.53
CA MET B 215 31.54 10.74 14.17
C MET B 215 31.59 10.27 12.73
N SER B 216 30.61 9.48 12.38
CA SER B 216 30.46 8.94 11.05
C SER B 216 29.01 9.13 10.64
N ILE B 217 28.69 8.91 9.39
CA ILE B 217 27.37 9.24 8.87
C ILE B 217 26.55 7.95 8.70
N SER B 218 25.48 7.83 9.48
CA SER B 218 24.51 6.72 9.34
C SER B 218 23.40 6.99 8.30
N ARG B 219 23.09 6.01 7.46
CA ARG B 219 22.13 6.21 6.36
C ARG B 219 21.25 4.99 6.16
N PRO B 220 19.98 5.19 5.78
CA PRO B 220 19.17 4.03 5.41
C PRO B 220 19.66 3.65 4.04
N ASN B 221 19.10 2.59 3.47
CA ASN B 221 19.53 2.18 2.13
C ASN B 221 18.86 3.04 1.08
N ALA B 222 19.29 2.89 -0.17
CA ALA B 222 18.78 3.72 -1.25
C ALA B 222 17.30 3.58 -1.59
N VAL B 223 16.70 2.44 -1.29
CA VAL B 223 15.28 2.26 -1.59
C VAL B 223 14.47 2.91 -0.47
N VAL B 224 14.84 2.62 0.77
CA VAL B 224 14.13 3.20 1.89
C VAL B 224 14.29 4.73 1.84
N GLY B 225 15.46 5.22 1.40
CA GLY B 225 15.78 6.67 1.50
C GLY B 225 15.35 7.49 0.32
N THR B 226 14.62 6.88 -0.61
CA THR B 226 14.10 7.60 -1.75
C THR B 226 13.28 8.81 -1.37
N THR B 227 13.58 9.97 -1.98
CA THR B 227 13.02 11.23 -1.55
C THR B 227 12.63 12.08 -2.76
N ARG B 228 11.50 12.77 -2.67
CA ARG B 228 11.05 13.64 -3.77
C ARG B 228 11.36 15.07 -3.42
N HIS B 229 11.96 15.79 -4.36
CA HIS B 229 12.13 17.24 -4.29
C HIS B 229 10.99 17.90 -5.04
N ILE B 230 10.39 18.95 -4.48
CA ILE B 230 9.38 19.65 -5.29
C ILE B 230 10.06 20.59 -6.27
N ARG B 231 9.94 20.34 -7.59
CA ARG B 231 10.57 21.25 -8.58
C ARG B 231 10.11 22.70 -8.36
N HIS B 232 11.06 23.62 -8.44
CA HIS B 232 10.76 25.03 -8.32
C HIS B 232 11.85 25.81 -9.04
N SER B 233 11.54 27.05 -9.40
CA SER B 233 12.56 27.92 -10.02
C SER B 233 13.34 28.59 -8.89
N ARG B 234 14.40 29.29 -9.24
CA ARG B 234 15.37 29.78 -8.25
C ARG B 234 14.71 30.73 -7.27
N ASP B 235 15.17 30.75 -6.04
CA ASP B 235 14.75 31.79 -5.12
C ASP B 235 15.60 33.01 -5.44
N LYS B 236 15.06 34.20 -5.23
CA LYS B 236 15.88 35.39 -5.15
C LYS B 236 16.58 35.38 -3.79
N LYS B 237 17.74 36.03 -3.72
CA LYS B 237 18.43 36.30 -2.46
C LYS B 237 18.98 35.05 -1.78
N ASN B 238 19.20 34.01 -2.59
CA ASN B 238 20.01 32.92 -2.13
C ASN B 238 20.99 32.51 -3.24
N GLU B 239 21.74 33.48 -3.77
CA GLU B 239 22.69 33.23 -4.86
C GLU B 239 23.84 32.35 -4.35
N PRO B 240 24.41 31.48 -5.22
CA PRO B 240 25.63 30.75 -4.85
C PRO B 240 26.63 31.65 -4.16
N ASN B 241 27.01 31.26 -2.98
CA ASN B 241 27.97 32.00 -2.20
C ASN B 241 29.37 31.71 -2.77
N PRO B 242 30.12 32.75 -3.25
CA PRO B 242 31.45 32.47 -3.84
C PRO B 242 32.50 32.21 -2.79
N GLN B 243 32.24 32.60 -1.54
CA GLN B 243 33.20 32.29 -0.51
C GLN B 243 33.07 30.85 0.01
N ARG B 244 32.12 30.07 -0.50
CA ARG B 244 31.81 28.78 0.18
C ARG B 244 32.97 27.76 0.21
N PHE B 245 33.75 27.74 -0.88
CA PHE B 245 34.85 26.76 -1.05
C PHE B 245 35.95 27.12 -0.09
N ASP B 246 36.17 28.40 0.06
CA ASP B 246 37.03 28.83 1.09
C ASP B 246 36.59 28.46 2.48
N ARG B 247 35.32 28.72 2.79
CA ARG B 247 34.85 28.42 4.15
C ARG B 247 34.87 26.93 4.49
N ILE B 248 34.62 26.03 3.54
CA ILE B 248 34.52 24.58 3.96
C ILE B 248 35.92 24.00 4.23
N ALA B 249 36.89 24.50 3.48
CA ALA B 249 38.33 24.24 3.69
C ALA B 249 38.80 24.70 5.05
N HIS B 250 38.04 25.54 5.76
CA HIS B 250 38.52 25.99 7.10
C HIS B 250 37.69 25.60 8.31
N THR B 251 36.81 24.62 8.14
CA THR B 251 35.88 24.25 9.21
C THR B 251 36.57 23.91 10.53
N LYS B 252 37.70 23.20 10.47
CA LYS B 252 38.32 22.74 11.70
C LYS B 252 38.64 23.97 12.53
N GLU B 253 39.08 25.04 11.85
CA GLU B 253 39.58 26.26 12.52
C GLU B 253 38.41 27.11 13.03
N THR B 254 37.34 27.20 12.26
CA THR B 254 36.25 28.07 12.67
C THR B 254 35.21 27.42 13.62
N MET B 255 35.03 26.11 13.55
CA MET B 255 33.94 25.50 14.30
C MET B 255 33.93 25.78 15.80
N LEU B 256 35.09 25.98 16.40
CA LEU B 256 35.17 26.17 17.84
C LEU B 256 34.58 27.48 18.28
N SER B 257 34.73 28.50 17.44
CA SER B 257 34.29 29.86 17.83
C SER B 257 33.13 30.36 16.97
N ASP B 258 32.68 29.52 16.04
CA ASP B 258 31.54 29.90 15.21
C ASP B 258 30.45 28.81 15.20
N GLY B 259 29.30 29.13 15.80
CA GLY B 259 28.14 28.23 15.80
C GLY B 259 27.26 28.61 16.98
N LEU B 260 26.81 27.60 17.73
CA LEU B 260 25.91 27.80 18.86
C LEU B 260 26.45 28.83 19.88
N ASN B 261 27.76 28.81 20.11
CA ASN B 261 28.31 29.66 21.15
C ASN B 261 28.48 31.08 20.66
N SER B 262 28.17 31.37 19.41
CA SER B 262 28.29 32.73 18.92
C SER B 262 26.99 33.17 18.23
N LEU B 263 25.93 32.39 18.41
CA LEU B 263 24.65 32.64 17.77
C LEU B 263 23.95 33.89 18.31
N THR B 264 23.60 34.82 17.43
CA THR B 264 22.77 35.94 17.90
C THR B 264 21.69 36.14 16.85
N TYR B 265 20.49 36.53 17.30
CA TYR B 265 19.38 36.80 16.41
C TYR B 265 18.33 37.53 17.22
N GLN B 266 17.31 38.02 16.54
CA GLN B 266 16.17 38.65 17.21
C GLN B 266 14.86 38.03 16.68
N VAL B 267 14.14 37.35 17.56
CA VAL B 267 12.85 36.77 17.21
C VAL B 267 11.83 37.92 17.12
N LEU B 268 11.14 38.02 16.00
CA LEU B 268 10.13 39.06 15.87
C LEU B 268 8.70 38.57 16.20
N ASP B 269 8.49 37.26 16.20
CA ASP B 269 7.15 36.72 16.41
C ASP B 269 7.23 35.20 16.51
N VAL B 270 6.36 34.63 17.34
CA VAL B 270 6.12 33.21 17.42
C VAL B 270 4.62 33.00 17.14
N GLN B 271 4.28 32.20 16.14
CA GLN B 271 2.87 31.95 15.87
C GLN B 271 2.62 30.45 15.91
N ARG B 272 1.64 30.01 16.69
CA ARG B 272 1.26 28.59 16.77
C ARG B 272 0.12 28.38 15.80
N TYR B 273 0.28 27.50 14.83
CA TYR B 273 -0.77 27.20 13.91
C TYR B 273 -1.16 25.76 14.18
N PRO B 274 -2.34 25.34 13.66
CA PRO B 274 -2.69 23.99 14.08
C PRO B 274 -1.57 22.96 13.74
N LEU B 275 -0.91 23.12 12.58
CA LEU B 275 -0.01 22.12 12.08
C LEU B 275 1.50 22.43 12.29
N TYR B 276 1.83 23.57 12.89
CA TYR B 276 3.24 23.92 13.08
C TYR B 276 3.40 25.17 13.90
N THR B 277 4.59 25.38 14.46
CA THR B 277 4.97 26.65 15.05
C THR B 277 5.86 27.37 14.06
N GLN B 278 5.56 28.66 13.82
CA GLN B 278 6.42 29.48 12.98
C GLN B 278 7.10 30.56 13.84
N ILE B 279 8.41 30.58 13.80
CA ILE B 279 9.20 31.51 14.55
C ILE B 279 9.85 32.39 13.47
N THR B 280 9.54 33.68 13.52
CA THR B 280 10.07 34.59 12.51
C THR B 280 11.19 35.33 13.17
N VAL B 281 12.30 35.35 12.46
CA VAL B 281 13.51 35.78 13.14
C VAL B 281 14.37 36.72 12.32
N ASP B 282 14.91 37.74 12.98
CA ASP B 282 15.88 38.57 12.25
C ASP B 282 17.32 37.97 12.43
N ILE B 283 17.89 37.39 11.37
CA ILE B 283 19.23 36.79 11.56
C ILE B 283 20.39 37.65 11.13
N GLY B 284 20.14 38.89 10.73
CA GLY B 284 21.19 39.83 10.38
C GLY B 284 21.67 39.69 8.94
N THR B 285 22.83 40.31 8.66
CA THR B 285 23.32 40.39 7.29
C THR B 285 24.81 40.04 7.31
N PRO B 286 25.34 39.64 6.17
CA PRO B 286 26.77 39.41 6.08
C PRO B 286 27.48 40.71 6.50
N SER B 287 28.63 40.58 7.15
CA SER B 287 29.58 41.72 7.19
C SER B 287 30.05 42.18 5.79
N SER C 15 24.26 15.79 -18.12
CA SER C 15 23.05 15.01 -18.59
C SER C 15 22.77 13.79 -17.67
N LEU C 16 21.59 13.18 -17.84
CA LEU C 16 21.01 12.36 -16.78
C LEU C 16 21.79 11.07 -16.58
N PRO C 17 21.94 10.65 -15.32
CA PRO C 17 22.39 9.32 -14.89
C PRO C 17 21.39 8.23 -15.23
N ALA C 18 21.88 7.00 -15.35
CA ALA C 18 21.02 5.86 -15.55
C ALA C 18 20.10 5.74 -14.32
N CYS C 19 18.86 5.32 -14.54
CA CYS C 19 17.95 4.94 -13.48
C CYS C 19 18.54 3.71 -12.71
N PRO C 20 18.21 3.54 -11.42
CA PRO C 20 18.61 2.33 -10.70
C PRO C 20 18.14 1.09 -11.44
N GLU C 21 18.88 0.01 -11.31
CA GLU C 21 18.59 -1.20 -12.07
C GLU C 21 17.15 -1.66 -11.80
N GLU C 22 16.69 -1.50 -10.56
CA GLU C 22 15.30 -1.75 -10.20
C GLU C 22 14.72 -0.48 -9.64
N SER C 23 13.48 -0.17 -9.96
CA SER C 23 12.93 1.07 -9.53
C SER C 23 12.76 1.14 -8.01
N PRO C 24 13.12 2.28 -7.37
CA PRO C 24 12.85 2.31 -5.93
C PRO C 24 11.44 2.74 -5.64
N LEU C 25 10.62 2.89 -6.69
CA LEU C 25 9.29 3.50 -6.52
C LEU C 25 8.20 2.48 -6.39
N LEU C 26 8.51 1.20 -6.57
CA LEU C 26 7.51 0.14 -6.65
C LEU C 26 6.75 0.05 -5.31
N VAL C 27 5.43 -0.16 -5.36
CA VAL C 27 4.67 -0.42 -4.12
C VAL C 27 4.27 -1.87 -3.94
N GLY C 28 4.42 -2.69 -4.98
CA GLY C 28 4.04 -4.10 -4.93
C GLY C 28 2.56 -4.29 -5.21
N PRO C 29 1.86 -5.06 -4.35
CA PRO C 29 0.47 -5.52 -4.61
C PRO C 29 -0.50 -4.39 -4.56
N MET C 30 -1.48 -4.40 -5.47
CA MET C 30 -2.41 -3.28 -5.61
C MET C 30 -3.85 -3.72 -5.52
N LEU C 31 -4.74 -2.78 -5.21
CA LEU C 31 -6.18 -3.01 -5.23
C LEU C 31 -6.73 -2.73 -6.63
N ILE C 32 -7.22 -3.76 -7.28
CA ILE C 32 -7.78 -3.65 -8.61
C ILE C 32 -9.30 -3.82 -8.62
N GLU C 33 -10.05 -2.79 -9.00
CA GLU C 33 -11.51 -3.01 -9.17
C GLU C 33 -12.07 -2.52 -10.51
N PHE C 34 -13.10 -3.22 -11.02
CA PHE C 34 -13.77 -2.88 -12.30
C PHE C 34 -15.25 -2.42 -12.20
N ASN C 35 -15.66 -1.88 -11.07
CA ASN C 35 -17.08 -1.62 -10.86
C ASN C 35 -17.43 -0.13 -10.87
N MET C 36 -16.51 0.68 -11.39
CA MET C 36 -16.73 2.13 -11.37
C MET C 36 -16.55 2.71 -12.76
N PRO C 37 -17.09 3.92 -13.01
CA PRO C 37 -16.80 4.52 -14.32
C PRO C 37 -15.44 5.21 -14.33
N VAL C 38 -14.81 5.18 -15.50
CA VAL C 38 -13.52 5.82 -15.73
C VAL C 38 -13.69 6.97 -16.68
N ASP C 39 -13.26 8.15 -16.23
CA ASP C 39 -13.19 9.35 -17.05
C ASP C 39 -11.75 9.74 -17.47
N LEU C 40 -11.47 9.50 -18.75
CA LEU C 40 -10.10 9.59 -19.27
C LEU C 40 -9.52 10.97 -19.16
N GLU C 41 -10.37 11.99 -19.11
CA GLU C 41 -9.89 13.35 -18.91
C GLU C 41 -9.32 13.47 -17.49
N LEU C 42 -9.93 12.73 -16.59
CA LEU C 42 -9.49 12.76 -15.21
C LEU C 42 -8.24 11.84 -15.07
N VAL C 43 -8.21 10.73 -15.81
CA VAL C 43 -7.01 9.91 -15.80
C VAL C 43 -5.78 10.68 -16.27
N ALA C 44 -5.95 11.53 -17.30
CA ALA C 44 -4.87 12.41 -17.79
C ALA C 44 -4.43 13.46 -16.77
N LYS C 45 -5.42 14.10 -16.12
CA LYS C 45 -5.17 15.04 -15.02
C LYS C 45 -4.40 14.36 -13.87
N GLN C 46 -4.71 13.09 -13.62
CA GLN C 46 -3.99 12.28 -12.62
C GLN C 46 -2.58 11.82 -13.06
N ASN C 47 -2.33 11.80 -14.36
CA ASN C 47 -1.08 11.33 -14.86
C ASN C 47 -0.45 12.43 -15.69
N PRO C 48 -0.15 13.57 -15.08
CA PRO C 48 0.23 14.71 -15.91
C PRO C 48 1.57 14.58 -16.64
N ASN C 49 2.41 13.60 -16.30
CA ASN C 49 3.69 13.49 -17.02
C ASN C 49 3.56 12.65 -18.28
N VAL C 50 2.42 12.01 -18.48
CA VAL C 50 2.19 11.31 -19.76
C VAL C 50 1.95 12.34 -20.87
N LYS C 51 2.88 12.39 -21.83
CA LYS C 51 2.86 13.34 -22.94
C LYS C 51 1.93 12.81 -24.05
N MET C 52 1.47 13.71 -24.92
CA MET C 52 0.46 13.36 -25.95
C MET C 52 0.85 12.10 -26.73
N GLY C 53 -0.13 11.25 -27.07
CA GLY C 53 0.14 9.98 -27.69
C GLY C 53 0.51 8.89 -26.70
N GLY C 54 0.43 9.19 -25.38
CA GLY C 54 0.67 8.15 -24.37
C GLY C 54 2.12 7.77 -24.21
N ARG C 55 2.99 8.79 -24.11
CA ARG C 55 4.44 8.61 -24.05
C ARG C 55 4.96 9.14 -22.73
N TYR C 56 5.92 8.39 -22.15
CA TYR C 56 6.52 8.78 -20.89
C TYR C 56 7.97 8.32 -20.80
N ALA C 57 8.80 9.15 -20.18
CA ALA C 57 10.12 8.75 -19.76
C ALA C 57 10.45 9.50 -18.48
N PRO C 58 11.22 8.87 -17.58
CA PRO C 58 11.52 9.60 -16.35
C PRO C 58 12.27 10.90 -16.64
N ARG C 59 11.92 11.94 -15.90
CA ARG C 59 12.63 13.18 -15.92
C ARG C 59 13.98 13.08 -15.22
N ASP C 60 14.13 12.20 -14.23
CA ASP C 60 15.34 12.30 -13.41
C ASP C 60 16.50 11.34 -13.73
N CYS C 61 16.31 10.45 -14.71
CA CYS C 61 17.29 9.45 -14.98
C CYS C 61 16.94 8.78 -16.32
N VAL C 62 17.89 8.07 -16.91
CA VAL C 62 17.72 7.45 -18.22
C VAL C 62 17.42 5.99 -17.97
N SER C 63 16.25 5.59 -18.42
CA SER C 63 15.83 4.20 -18.34
C SER C 63 16.51 3.41 -19.47
N PRO C 64 17.00 2.20 -19.16
CA PRO C 64 17.52 1.30 -20.19
C PRO C 64 16.40 0.60 -20.97
N HIS C 65 15.15 0.68 -20.50
CA HIS C 65 14.04 0.05 -21.17
C HIS C 65 13.25 1.01 -22.03
N LYS C 66 13.25 0.74 -23.33
CA LYS C 66 12.58 1.59 -24.29
C LYS C 66 11.52 0.66 -24.81
N VAL C 67 10.28 0.87 -24.38
CA VAL C 67 9.26 -0.17 -24.44
C VAL C 67 8.04 0.33 -25.15
N ALA C 68 7.68 -0.36 -26.20
CA ALA C 68 6.46 -0.06 -26.90
C ALA C 68 5.43 -1.06 -26.39
N ILE C 69 4.36 -0.54 -25.80
CA ILE C 69 3.30 -1.42 -25.32
C ILE C 69 2.21 -1.56 -26.36
N ILE C 70 2.01 -2.77 -26.85
CA ILE C 70 1.17 -2.95 -28.01
C ILE C 70 -0.08 -3.73 -27.68
N ILE C 71 -1.23 -3.10 -27.89
CA ILE C 71 -2.52 -3.67 -27.53
C ILE C 71 -3.35 -3.98 -28.81
N PRO C 72 -3.65 -5.25 -29.06
CA PRO C 72 -4.51 -5.59 -30.18
C PRO C 72 -5.94 -5.20 -29.81
N PHE C 73 -6.70 -4.60 -30.72
CA PHE C 73 -7.93 -3.95 -30.33
C PHE C 73 -9.02 -3.91 -31.43
N ARG C 74 -10.29 -4.07 -31.03
CA ARG C 74 -11.47 -3.54 -31.74
C ARG C 74 -12.69 -3.55 -30.84
N ASN C 75 -13.31 -2.39 -30.71
CA ASN C 75 -14.58 -2.30 -30.01
C ASN C 75 -14.49 -2.93 -28.59
N ARG C 76 -13.51 -2.47 -27.80
CA ARG C 76 -13.34 -2.80 -26.38
C ARG C 76 -12.93 -1.52 -25.67
N GLN C 77 -13.64 -0.43 -25.95
CA GLN C 77 -13.24 0.87 -25.48
C GLN C 77 -13.36 0.96 -23.97
N GLU C 78 -14.22 0.13 -23.40
CA GLU C 78 -14.55 0.26 -22.01
C GLU C 78 -13.44 -0.49 -21.24
N HIS C 79 -12.96 -1.59 -21.80
CA HIS C 79 -11.81 -2.23 -21.22
C HIS C 79 -10.59 -1.34 -21.31
N LEU C 80 -10.39 -0.70 -22.45
CA LEU C 80 -9.23 0.13 -22.63
C LEU C 80 -9.18 1.25 -21.58
N LYS C 81 -10.33 1.73 -21.18
CA LYS C 81 -10.35 2.79 -20.19
C LYS C 81 -9.82 2.29 -18.85
N TYR C 82 -10.11 1.04 -18.48
CA TYR C 82 -9.61 0.49 -17.21
C TYR C 82 -8.11 0.22 -17.35
N TRP C 83 -7.73 -0.25 -18.54
CA TRP C 83 -6.36 -0.62 -18.81
C TRP C 83 -5.48 0.60 -18.65
N LEU C 84 -5.89 1.73 -19.22
CA LEU C 84 -5.09 2.93 -19.14
C LEU C 84 -5.07 3.51 -17.72
N TYR C 85 -6.19 3.38 -17.03
CA TYR C 85 -6.29 3.89 -15.65
C TYR C 85 -5.31 3.15 -14.72
N TYR C 86 -5.19 1.84 -14.92
CA TYR C 86 -4.33 1.01 -14.12
C TYR C 86 -2.89 0.94 -14.62
N LEU C 87 -2.66 0.69 -15.91
CA LEU C 87 -1.26 0.59 -16.39
C LEU C 87 -0.41 1.86 -16.28
N HIS C 88 -0.98 3.02 -16.59
CA HIS C 88 -0.15 4.18 -16.58
C HIS C 88 0.53 4.47 -15.25
N PRO C 89 -0.17 4.27 -14.11
CA PRO C 89 0.61 4.67 -12.93
C PRO C 89 1.71 3.68 -12.63
N VAL C 90 1.46 2.44 -13.00
CA VAL C 90 2.38 1.32 -12.80
C VAL C 90 3.63 1.43 -13.68
N LEU C 91 3.42 1.66 -14.98
CA LEU C 91 4.50 1.84 -15.93
C LEU C 91 5.40 3.03 -15.57
N GLN C 92 4.82 4.11 -15.08
CA GLN C 92 5.66 5.20 -14.59
C GLN C 92 6.49 4.80 -13.37
N ARG C 93 5.93 4.03 -12.45
CA ARG C 93 6.66 3.72 -11.21
C ARG C 93 7.81 2.78 -11.56
N GLN C 94 7.63 2.01 -12.62
CA GLN C 94 8.65 1.13 -13.21
C GLN C 94 9.77 1.87 -13.98
N GLN C 95 9.66 3.20 -14.09
CA GLN C 95 10.70 4.06 -14.66
C GLN C 95 11.05 3.63 -16.09
N LEU C 96 10.03 3.38 -16.92
CA LEU C 96 10.24 2.93 -18.28
C LEU C 96 10.17 4.13 -19.23
N ASP C 97 10.85 4.01 -20.35
CA ASP C 97 10.75 5.00 -21.37
C ASP C 97 9.79 4.30 -22.34
N TYR C 98 8.53 4.66 -22.30
CA TYR C 98 7.49 3.84 -22.92
C TYR C 98 6.45 4.60 -23.74
N GLY C 99 5.72 3.82 -24.53
CA GLY C 99 4.67 4.38 -25.37
C GLY C 99 3.58 3.37 -25.49
N ILE C 100 2.33 3.83 -25.48
CA ILE C 100 1.19 2.95 -25.58
C ILE C 100 0.62 2.99 -27.04
N TYR C 101 0.46 1.82 -27.66
CA TYR C 101 -0.10 1.74 -29.02
C TYR C 101 -1.30 0.81 -29.06
N VAL C 102 -2.48 1.36 -29.27
CA VAL C 102 -3.68 0.56 -29.45
C VAL C 102 -3.87 0.19 -30.95
N ILE C 103 -3.75 -1.07 -31.32
CA ILE C 103 -3.84 -1.39 -32.73
C ILE C 103 -5.28 -1.74 -33.10
N ASN C 104 -6.04 -0.75 -33.56
CA ASN C 104 -7.45 -0.90 -33.86
C ASN C 104 -7.66 -1.54 -35.25
N GLN C 105 -8.32 -2.70 -35.29
CA GLN C 105 -8.68 -3.35 -36.59
C GLN C 105 -9.82 -2.65 -37.30
N ALA C 106 -9.51 -2.11 -38.47
CA ALA C 106 -10.52 -1.43 -39.27
C ALA C 106 -11.56 -2.43 -39.81
N GLY C 107 -12.80 -1.97 -39.93
CA GLY C 107 -13.87 -2.75 -40.54
C GLY C 107 -14.45 -3.82 -39.62
N ASP C 108 -15.23 -4.74 -40.20
CA ASP C 108 -16.11 -5.60 -39.43
C ASP C 108 -15.93 -7.06 -39.77
N THR C 109 -14.77 -7.41 -40.31
CA THR C 109 -14.52 -8.84 -40.57
C THR C 109 -13.66 -9.51 -39.48
N ILE C 110 -13.43 -10.81 -39.68
CA ILE C 110 -12.90 -11.67 -38.63
C ILE C 110 -11.58 -11.14 -38.03
N PHE C 111 -11.47 -11.21 -36.70
CA PHE C 111 -10.32 -10.66 -35.95
C PHE C 111 -9.03 -11.42 -36.18
N ASN C 112 -7.91 -10.70 -36.18
CA ASN C 112 -6.63 -11.38 -36.28
C ASN C 112 -5.62 -10.84 -35.27
N ARG C 113 -5.66 -11.38 -34.05
CA ARG C 113 -4.86 -10.86 -32.94
C ARG C 113 -3.39 -10.63 -33.31
N ALA C 114 -2.74 -11.71 -33.75
CA ALA C 114 -1.31 -11.75 -34.00
C ALA C 114 -0.88 -10.73 -35.05
N LYS C 115 -1.72 -10.54 -36.08
CA LYS C 115 -1.39 -9.65 -37.18
C LYS C 115 -1.41 -8.20 -36.66
N LEU C 116 -2.42 -7.86 -35.88
CA LEU C 116 -2.44 -6.54 -35.22
C LEU C 116 -1.18 -6.33 -34.41
N LEU C 117 -0.73 -7.38 -33.74
CA LEU C 117 0.51 -7.29 -32.99
C LEU C 117 1.75 -7.02 -33.86
N ASN C 118 1.90 -7.77 -34.93
CA ASN C 118 2.96 -7.54 -35.92
C ASN C 118 2.94 -6.09 -36.43
N VAL C 119 1.75 -5.59 -36.74
CA VAL C 119 1.62 -4.19 -37.10
C VAL C 119 2.17 -3.26 -36.04
N GLY C 120 1.83 -3.54 -34.77
CA GLY C 120 2.22 -2.66 -33.66
C GLY C 120 3.72 -2.49 -33.66
N PHE C 121 4.41 -3.61 -33.82
CA PHE C 121 5.85 -3.64 -33.82
C PHE C 121 6.39 -2.72 -34.90
N GLN C 122 5.84 -2.80 -36.10
CA GLN C 122 6.42 -2.07 -37.24
C GLN C 122 6.19 -0.59 -37.12
N GLU C 123 4.94 -0.26 -36.81
CA GLU C 123 4.53 1.11 -36.68
C GLU C 123 5.17 1.82 -35.48
N ALA C 124 5.34 1.13 -34.36
CA ALA C 124 5.89 1.80 -33.20
C ALA C 124 7.33 2.11 -33.50
N LEU C 125 7.98 1.23 -34.24
CA LEU C 125 9.36 1.48 -34.65
C LEU C 125 9.51 2.73 -35.55
N LYS C 126 8.42 3.22 -36.13
CA LYS C 126 8.48 4.46 -36.89
C LYS C 126 8.42 5.71 -36.02
N ASP C 127 7.95 5.61 -34.77
CA ASP C 127 8.00 6.72 -33.81
C ASP C 127 9.31 6.88 -33.11
N TYR C 128 10.00 5.77 -32.80
CA TYR C 128 11.11 5.85 -31.83
C TYR C 128 11.92 4.55 -31.84
N ASP C 129 13.21 4.61 -31.52
CA ASP C 129 14.02 3.40 -31.48
C ASP C 129 13.71 2.55 -30.23
N TYR C 130 12.46 2.07 -30.10
CA TYR C 130 12.11 1.07 -29.05
C TYR C 130 12.93 -0.20 -29.21
N THR C 131 13.41 -0.77 -28.10
CA THR C 131 14.16 -1.99 -28.22
C THR C 131 13.46 -3.12 -27.49
N CYS C 132 12.23 -2.86 -27.06
CA CYS C 132 11.50 -3.81 -26.22
C CYS C 132 10.04 -3.68 -26.56
N PHE C 133 9.36 -4.80 -26.69
CA PHE C 133 7.93 -4.76 -27.00
C PHE C 133 7.08 -5.63 -26.03
N VAL C 134 6.09 -5.00 -25.39
CA VAL C 134 5.16 -5.74 -24.55
C VAL C 134 3.87 -5.88 -25.31
N PHE C 135 3.42 -7.11 -25.49
CA PHE C 135 2.19 -7.38 -26.20
C PHE C 135 1.12 -7.72 -25.16
N SER C 136 0.11 -6.89 -25.04
CA SER C 136 -0.86 -7.08 -23.97
C SER C 136 -2.31 -7.06 -24.46
N ASP C 137 -3.11 -8.05 -24.08
CA ASP C 137 -4.55 -7.97 -24.33
C ASP C 137 -5.06 -6.80 -23.51
N VAL C 138 -6.21 -6.27 -23.89
CA VAL C 138 -6.67 -5.00 -23.39
C VAL C 138 -7.44 -5.19 -22.05
N ASP C 139 -7.71 -6.45 -21.72
CA ASP C 139 -8.51 -6.76 -20.54
C ASP C 139 -7.68 -7.46 -19.47
N LEU C 140 -6.34 -7.35 -19.53
CA LEU C 140 -5.48 -7.91 -18.50
C LEU C 140 -4.76 -6.84 -17.66
N ILE C 141 -4.94 -6.86 -16.34
CA ILE C 141 -4.40 -5.80 -15.45
C ILE C 141 -3.48 -6.50 -14.43
N PRO C 142 -2.20 -6.10 -14.33
CA PRO C 142 -1.36 -6.75 -13.28
C PRO C 142 -1.74 -6.25 -11.88
N MET C 143 -1.61 -7.07 -10.85
CA MET C 143 -2.00 -6.68 -9.47
C MET C 143 -0.79 -6.22 -8.63
N ASN C 144 0.39 -6.50 -9.18
CA ASN C 144 1.65 -6.31 -8.52
C ASN C 144 2.69 -5.59 -9.42
N ASP C 145 2.97 -4.33 -9.09
CA ASP C 145 3.94 -3.55 -9.81
C ASP C 145 5.38 -4.04 -9.86
N HIS C 146 5.73 -5.16 -9.21
CA HIS C 146 7.05 -5.78 -9.33
C HIS C 146 7.07 -6.66 -10.56
N ASN C 147 5.94 -6.76 -11.22
CA ASN C 147 5.84 -7.62 -12.43
C ASN C 147 6.31 -6.73 -13.60
N ALA C 148 7.56 -6.90 -14.06
CA ALA C 148 8.20 -5.90 -14.92
C ALA C 148 7.58 -5.96 -16.31
N TYR C 149 7.01 -4.84 -16.75
CA TYR C 149 6.59 -4.71 -18.17
C TYR C 149 7.75 -4.29 -19.11
N ARG C 150 8.82 -5.08 -19.12
CA ARG C 150 9.91 -4.86 -20.08
C ARG C 150 10.59 -6.17 -20.48
N CYS C 151 11.70 -6.06 -21.23
CA CYS C 151 12.35 -7.25 -21.76
C CYS C 151 13.47 -7.83 -20.91
N PHE C 152 13.68 -9.13 -21.11
CA PHE C 152 14.66 -9.90 -20.35
C PHE C 152 15.60 -10.57 -21.37
N SER C 153 16.62 -11.25 -20.90
CA SER C 153 17.53 -11.93 -21.79
C SER C 153 16.86 -13.11 -22.53
N GLN C 154 15.67 -13.54 -22.08
CA GLN C 154 14.83 -14.52 -22.79
C GLN C 154 13.43 -13.93 -22.88
N PRO C 155 12.61 -14.42 -23.84
CA PRO C 155 11.27 -13.91 -24.01
C PRO C 155 10.51 -14.07 -22.71
N ARG C 156 9.65 -13.11 -22.42
CA ARG C 156 9.07 -12.97 -21.09
C ARG C 156 7.58 -13.17 -21.12
N HIS C 157 7.10 -14.20 -20.43
CA HIS C 157 5.68 -14.32 -20.17
C HIS C 157 5.31 -13.57 -18.88
N ILE C 158 4.36 -12.65 -18.96
CA ILE C 158 4.09 -11.68 -17.92
C ILE C 158 2.80 -11.95 -17.14
N SER C 159 1.71 -12.27 -17.84
CA SER C 159 0.43 -12.60 -17.17
C SER C 159 0.42 -14.11 -16.75
N VAL C 160 1.16 -14.46 -15.71
CA VAL C 160 1.40 -15.86 -15.42
C VAL C 160 0.30 -16.43 -14.50
N ALA C 161 -0.34 -15.58 -13.71
CA ALA C 161 -1.31 -16.10 -12.74
C ALA C 161 -2.60 -15.33 -12.83
N MET C 162 -3.41 -15.69 -13.80
CA MET C 162 -4.60 -14.93 -14.10
C MET C 162 -5.74 -15.45 -13.26
N ASP C 163 -6.58 -14.57 -12.75
CA ASP C 163 -7.74 -15.04 -11.97
C ASP C 163 -8.57 -16.06 -12.76
N LYS C 164 -8.83 -15.76 -14.03
CA LYS C 164 -9.71 -16.64 -14.82
C LYS C 164 -9.18 -18.02 -15.03
N PHE C 165 -7.88 -18.22 -14.75
CA PHE C 165 -7.30 -19.56 -14.77
C PHE C 165 -7.00 -20.05 -13.35
N GLY C 166 -7.70 -19.50 -12.38
CA GLY C 166 -7.50 -19.90 -11.00
C GLY C 166 -6.09 -19.59 -10.53
N PHE C 167 -5.62 -18.38 -10.82
CA PHE C 167 -4.38 -17.87 -10.25
C PHE C 167 -3.16 -18.74 -10.54
N SER C 168 -3.20 -19.45 -11.65
CA SER C 168 -1.97 -19.98 -12.19
C SER C 168 -2.02 -20.23 -13.71
N LEU C 169 -1.00 -20.89 -14.27
CA LEU C 169 -0.95 -21.08 -15.71
C LEU C 169 -1.99 -22.09 -16.16
N PRO C 170 -2.73 -21.80 -17.24
CA PRO C 170 -3.62 -22.88 -17.69
C PRO C 170 -2.84 -24.10 -18.16
N TYR C 171 -1.63 -23.93 -18.64
CA TYR C 171 -0.75 -25.06 -18.97
C TYR C 171 0.67 -24.50 -19.09
N VAL C 172 1.68 -25.33 -18.91
CA VAL C 172 3.02 -24.80 -18.65
C VAL C 172 3.64 -24.06 -19.85
N GLN C 173 3.26 -24.45 -21.08
CA GLN C 173 3.69 -23.83 -22.34
C GLN C 173 2.76 -22.73 -22.81
N TYR C 174 1.84 -22.28 -21.95
CA TYR C 174 0.97 -21.18 -22.33
C TYR C 174 1.69 -19.81 -22.41
N PHE C 175 1.46 -19.09 -23.51
CA PHE C 175 2.16 -17.84 -23.76
C PHE C 175 1.22 -16.68 -24.15
N GLY C 176 -0.07 -16.82 -23.88
CA GLY C 176 -1.00 -15.74 -24.20
C GLY C 176 -1.09 -14.63 -23.15
N GLY C 177 -1.94 -13.64 -23.42
CA GLY C 177 -2.24 -12.61 -22.46
C GLY C 177 -1.30 -11.40 -22.57
N VAL C 178 -0.21 -11.47 -21.81
CA VAL C 178 0.76 -10.39 -21.75
C VAL C 178 2.13 -11.04 -21.86
N SER C 179 2.92 -10.58 -22.82
CA SER C 179 4.29 -11.05 -22.96
C SER C 179 5.21 -9.89 -23.38
N ALA C 180 6.52 -10.08 -23.24
CA ALA C 180 7.50 -9.12 -23.78
C ALA C 180 8.59 -9.82 -24.57
N LEU C 181 8.93 -9.23 -25.72
CA LEU C 181 10.06 -9.70 -26.53
C LEU C 181 10.94 -8.51 -26.79
N SER C 182 12.24 -8.71 -26.72
CA SER C 182 13.21 -7.70 -27.21
C SER C 182 13.02 -7.60 -28.72
N LYS C 183 13.48 -6.49 -29.30
CA LYS C 183 13.45 -6.33 -30.74
C LYS C 183 14.15 -7.53 -31.41
N GLN C 184 15.31 -7.89 -30.85
CA GLN C 184 16.06 -9.02 -31.38
C GLN C 184 15.34 -10.36 -31.30
N GLN C 185 14.63 -10.60 -30.20
CA GLN C 185 13.93 -11.86 -30.02
C GLN C 185 12.79 -11.88 -31.02
N PHE C 186 12.17 -10.72 -31.20
CA PHE C 186 11.09 -10.63 -32.14
C PHE C 186 11.53 -10.90 -33.59
N LEU C 187 12.64 -10.30 -33.95
CA LEU C 187 13.24 -10.49 -35.29
C LEU C 187 13.72 -11.93 -35.51
N THR C 188 14.27 -12.55 -34.48
CA THR C 188 14.84 -13.89 -34.61
C THR C 188 13.78 -14.89 -35.04
N ILE C 189 12.55 -14.68 -34.59
CA ILE C 189 11.48 -15.61 -34.92
C ILE C 189 10.64 -15.15 -36.10
N ASN C 190 11.16 -14.21 -36.90
CA ASN C 190 10.40 -13.57 -38.01
C ASN C 190 9.04 -13.09 -37.54
N GLY C 191 8.98 -12.53 -36.33
CA GLY C 191 7.74 -11.96 -35.84
C GLY C 191 6.70 -13.01 -35.55
N PHE C 192 5.46 -12.59 -35.48
CA PHE C 192 4.34 -13.48 -35.18
C PHE C 192 3.73 -13.88 -36.52
N PRO C 193 2.92 -14.96 -36.58
CA PRO C 193 2.30 -15.42 -37.82
C PRO C 193 1.12 -14.54 -38.25
N ASN C 194 0.80 -14.55 -39.56
CA ASN C 194 -0.25 -13.66 -40.11
C ASN C 194 -1.61 -14.30 -40.39
N ASN C 195 -1.65 -15.61 -40.35
CA ASN C 195 -2.83 -16.35 -40.81
C ASN C 195 -3.60 -17.13 -39.76
N TYR C 196 -3.60 -16.63 -38.51
CA TYR C 196 -4.53 -17.08 -37.50
C TYR C 196 -5.70 -16.13 -37.42
N TRP C 197 -6.79 -16.48 -38.12
CA TRP C 197 -8.01 -15.68 -38.17
C TRP C 197 -9.00 -16.24 -37.17
N GLY C 198 -9.57 -15.38 -36.34
CA GLY C 198 -10.42 -15.79 -35.22
C GLY C 198 -9.63 -16.33 -34.02
N TRP C 199 -10.38 -16.69 -32.98
CA TRP C 199 -9.84 -17.05 -31.66
C TRP C 199 -9.03 -18.35 -31.64
N GLY C 200 -7.88 -18.27 -30.98
CA GLY C 200 -7.11 -19.46 -30.62
C GLY C 200 -5.90 -19.75 -31.46
N GLY C 201 -4.88 -20.27 -30.80
CA GLY C 201 -3.73 -20.91 -31.42
C GLY C 201 -2.51 -20.06 -31.71
N GLU C 202 -2.73 -18.78 -32.01
CA GLU C 202 -1.64 -17.91 -32.44
C GLU C 202 -0.55 -17.77 -31.35
N ASP C 203 -0.95 -17.65 -30.09
CA ASP C 203 0.03 -17.65 -28.97
C ASP C 203 0.86 -18.95 -28.85
N ASP C 204 0.24 -20.10 -29.09
CA ASP C 204 0.96 -21.38 -29.10
C ASP C 204 1.94 -21.42 -30.29
N ASP C 205 1.54 -20.79 -31.37
CA ASP C 205 2.41 -20.72 -32.53
C ASP C 205 3.65 -19.91 -32.17
N ILE C 206 3.43 -18.77 -31.52
CA ILE C 206 4.51 -17.89 -31.06
C ILE C 206 5.44 -18.65 -30.11
N PHE C 207 4.84 -19.34 -29.15
CA PHE C 207 5.64 -20.20 -28.28
C PHE C 207 6.55 -21.16 -29.04
N ASN C 208 5.98 -21.93 -29.98
CA ASN C 208 6.80 -22.81 -30.83
C ASN C 208 7.91 -22.08 -31.57
N ARG C 209 7.57 -20.97 -32.21
CA ARG C 209 8.57 -20.17 -32.90
C ARG C 209 9.76 -19.94 -31.96
N LEU C 210 9.46 -19.54 -30.73
CA LEU C 210 10.52 -19.17 -29.79
C LEU C 210 11.36 -20.38 -29.44
N VAL C 211 10.69 -21.48 -29.15
CA VAL C 211 11.39 -22.70 -28.80
C VAL C 211 12.24 -23.15 -29.99
N PHE C 212 11.65 -23.15 -31.19
CA PHE C 212 12.41 -23.51 -32.39
C PHE C 212 13.59 -22.59 -32.67
N ARG C 213 13.65 -21.41 -32.04
CA ARG C 213 14.83 -20.59 -32.26
C ARG C 213 15.78 -20.66 -31.11
N GLY C 214 15.59 -21.66 -30.25
CA GLY C 214 16.56 -21.88 -29.20
C GLY C 214 16.31 -21.11 -27.93
N MET C 215 15.14 -20.50 -27.81
CA MET C 215 14.85 -19.72 -26.62
C MET C 215 13.99 -20.50 -25.60
N SER C 216 13.93 -20.02 -24.36
CA SER C 216 12.99 -20.55 -23.37
C SER C 216 12.25 -19.38 -22.71
N ILE C 217 11.11 -19.65 -22.11
CA ILE C 217 10.25 -18.63 -21.55
C ILE C 217 10.64 -18.22 -20.13
N SER C 218 10.92 -16.93 -19.90
CA SER C 218 11.17 -16.36 -18.56
C SER C 218 9.88 -15.88 -17.91
N ARG C 219 9.75 -16.07 -16.59
CA ARG C 219 8.49 -15.73 -15.91
C ARG C 219 8.71 -15.15 -14.53
N PRO C 220 7.89 -14.18 -14.13
CA PRO C 220 7.97 -13.85 -12.69
C PRO C 220 7.39 -15.02 -11.84
N ASN C 221 7.46 -14.92 -10.51
CA ASN C 221 6.73 -15.91 -9.71
C ASN C 221 5.20 -15.71 -9.74
N ALA C 222 4.46 -16.77 -9.41
CA ALA C 222 3.01 -16.72 -9.40
C ALA C 222 2.45 -15.53 -8.61
N VAL C 223 3.05 -15.20 -7.49
CA VAL C 223 2.46 -14.13 -6.71
C VAL C 223 2.64 -12.81 -7.44
N VAL C 224 3.87 -12.53 -7.86
CA VAL C 224 4.16 -11.29 -8.53
C VAL C 224 3.42 -11.21 -9.86
N GLY C 225 3.25 -12.37 -10.50
CA GLY C 225 2.64 -12.44 -11.80
C GLY C 225 1.14 -12.51 -11.77
N THR C 226 0.55 -12.12 -10.65
CA THR C 226 -0.91 -12.21 -10.48
C THR C 226 -1.60 -11.16 -11.33
N THR C 227 -2.55 -11.61 -12.14
CA THR C 227 -3.22 -10.74 -13.11
C THR C 227 -4.76 -10.82 -13.08
N ARG C 228 -5.41 -9.70 -13.26
CA ARG C 228 -6.85 -9.68 -13.26
C ARG C 228 -7.39 -9.56 -14.70
N HIS C 229 -8.36 -10.40 -15.04
CA HIS C 229 -9.03 -10.34 -16.35
C HIS C 229 -10.37 -9.61 -16.23
N ILE C 230 -10.63 -8.61 -17.07
CA ILE C 230 -11.95 -7.99 -17.05
C ILE C 230 -12.98 -8.95 -17.66
N ARG C 231 -13.88 -9.46 -16.81
CA ARG C 231 -14.94 -10.41 -17.22
C ARG C 231 -15.78 -9.79 -18.34
N HIS C 232 -16.05 -10.56 -19.39
CA HIS C 232 -16.81 -10.04 -20.54
C HIS C 232 -17.44 -11.17 -21.39
N SER C 233 -18.47 -10.86 -22.17
CA SER C 233 -19.03 -11.91 -23.05
C SER C 233 -18.28 -12.08 -24.38
N ARG C 234 -18.63 -13.10 -25.16
CA ARG C 234 -18.03 -13.33 -26.48
C ARG C 234 -17.96 -12.06 -27.36
N ASP C 235 -16.84 -11.90 -28.06
CA ASP C 235 -16.78 -10.90 -29.10
C ASP C 235 -17.40 -11.51 -30.35
N LYS C 236 -18.29 -10.76 -31.00
CA LYS C 236 -18.77 -11.08 -32.35
C LYS C 236 -17.58 -11.06 -33.33
N LYS C 237 -17.52 -12.02 -34.25
CA LYS C 237 -16.48 -12.06 -35.30
C LYS C 237 -15.07 -12.36 -34.77
N ASN C 238 -15.02 -13.13 -33.69
CA ASN C 238 -13.78 -13.77 -33.27
C ASN C 238 -14.12 -15.20 -32.88
N GLU C 239 -14.81 -15.88 -33.79
CA GLU C 239 -15.11 -17.30 -33.71
C GLU C 239 -13.85 -18.10 -33.41
N PRO C 240 -13.97 -19.16 -32.57
CA PRO C 240 -12.89 -20.16 -32.52
C PRO C 240 -12.51 -20.55 -33.94
N ASN C 241 -11.23 -20.78 -34.20
CA ASN C 241 -10.76 -21.10 -35.53
C ASN C 241 -10.40 -22.58 -35.63
N PRO C 242 -11.09 -23.31 -36.53
CA PRO C 242 -10.96 -24.77 -36.65
C PRO C 242 -9.59 -25.19 -37.20
N GLN C 243 -9.00 -24.34 -38.04
CA GLN C 243 -7.70 -24.65 -38.63
C GLN C 243 -6.57 -24.58 -37.61
N ARG C 244 -6.85 -24.00 -36.43
CA ARG C 244 -5.81 -23.63 -35.47
C ARG C 244 -4.90 -24.78 -34.99
N PHE C 245 -5.45 -26.00 -34.91
CA PHE C 245 -4.68 -27.19 -34.51
C PHE C 245 -3.66 -27.65 -35.57
N ASP C 246 -4.06 -27.67 -36.85
CA ASP C 246 -3.11 -27.98 -37.93
C ASP C 246 -2.04 -26.93 -38.06
N ARG C 247 -2.41 -25.68 -37.79
CA ARG C 247 -1.47 -24.55 -37.93
C ARG C 247 -0.30 -24.67 -36.96
N ILE C 248 -0.59 -24.91 -35.66
CA ILE C 248 0.45 -25.02 -34.62
C ILE C 248 1.39 -26.21 -34.82
N ALA C 249 0.89 -27.28 -35.45
CA ALA C 249 1.71 -28.46 -35.72
C ALA C 249 2.78 -28.18 -36.77
N HIS C 250 2.54 -27.14 -37.57
CA HIS C 250 3.39 -26.88 -38.74
C HIS C 250 4.17 -25.56 -38.67
N THR C 251 4.36 -25.08 -37.44
CA THR C 251 5.01 -23.80 -37.17
C THR C 251 6.45 -23.74 -37.64
N LYS C 252 7.19 -24.83 -37.48
CA LYS C 252 8.59 -24.84 -37.88
C LYS C 252 8.80 -24.56 -39.38
N GLU C 253 7.91 -25.08 -40.23
CA GLU C 253 8.07 -24.92 -41.69
C GLU C 253 7.55 -23.56 -42.11
N THR C 254 6.40 -23.17 -41.55
CA THR C 254 5.73 -21.94 -41.95
C THR C 254 6.36 -20.66 -41.40
N MET C 255 7.16 -20.75 -40.34
CA MET C 255 7.63 -19.55 -39.66
C MET C 255 8.70 -18.90 -40.52
N LEU C 256 9.27 -19.69 -41.41
CA LEU C 256 10.34 -19.19 -42.24
C LEU C 256 9.76 -18.12 -43.17
N SER C 257 8.54 -18.34 -43.64
CA SER C 257 8.03 -17.55 -44.75
C SER C 257 6.67 -16.89 -44.46
N ASP C 258 6.23 -17.02 -43.20
CA ASP C 258 5.07 -16.27 -42.76
C ASP C 258 5.33 -15.48 -41.46
N GLY C 259 5.19 -14.17 -41.54
CA GLY C 259 5.46 -13.32 -40.38
C GLY C 259 5.82 -11.92 -40.77
N LEU C 260 6.90 -11.42 -40.20
CA LEU C 260 7.32 -10.03 -40.41
C LEU C 260 7.67 -9.78 -41.88
N ASN C 261 8.37 -10.74 -42.49
CA ASN C 261 8.69 -10.69 -43.92
C ASN C 261 7.55 -11.01 -44.90
N SER C 262 6.31 -11.10 -44.45
CA SER C 262 5.21 -11.39 -45.37
C SER C 262 4.06 -10.50 -44.95
N LEU C 263 4.34 -9.64 -43.97
CA LEU C 263 3.31 -8.80 -43.40
C LEU C 263 2.88 -7.70 -44.35
N THR C 264 1.57 -7.54 -44.55
CA THR C 264 1.06 -6.46 -45.38
C THR C 264 -0.17 -5.86 -44.69
N TYR C 265 -0.34 -4.55 -44.75
CA TYR C 265 -1.52 -3.91 -44.16
C TYR C 265 -1.58 -2.46 -44.65
N GLN C 266 -2.68 -1.76 -44.37
CA GLN C 266 -2.69 -0.35 -44.62
C GLN C 266 -3.17 0.48 -43.43
N VAL C 267 -2.34 1.41 -42.95
CA VAL C 267 -2.78 2.31 -41.87
C VAL C 267 -3.83 3.29 -42.41
N LEU C 268 -4.97 3.48 -41.75
CA LEU C 268 -5.95 4.50 -42.18
C LEU C 268 -5.98 5.81 -41.37
N ASP C 269 -5.97 5.71 -40.03
CA ASP C 269 -5.63 6.87 -39.18
C ASP C 269 -4.79 6.53 -37.96
N VAL C 270 -4.19 7.58 -37.40
CA VAL C 270 -3.31 7.47 -36.26
C VAL C 270 -3.81 8.61 -35.39
N GLN C 271 -4.48 8.28 -34.30
CA GLN C 271 -4.95 9.31 -33.38
C GLN C 271 -3.89 9.43 -32.31
N ARG C 272 -3.41 10.64 -32.05
CA ARG C 272 -2.63 10.85 -30.82
C ARG C 272 -3.56 11.33 -29.69
N TYR C 273 -4.15 10.40 -28.94
CA TYR C 273 -4.92 10.83 -27.76
C TYR C 273 -3.95 11.10 -26.61
N PRO C 274 -4.43 11.79 -25.57
CA PRO C 274 -3.50 12.14 -24.47
C PRO C 274 -2.81 10.91 -23.85
N LEU C 275 -3.53 9.81 -23.78
CA LEU C 275 -3.06 8.63 -23.06
C LEU C 275 -2.58 7.46 -23.90
N TYR C 276 -2.67 7.61 -25.22
CA TYR C 276 -2.38 6.52 -26.10
C TYR C 276 -2.43 6.93 -27.57
N THR C 277 -1.73 6.16 -28.38
CA THR C 277 -1.76 6.38 -29.82
C THR C 277 -2.61 5.24 -30.35
N GLN C 278 -3.70 5.55 -31.03
CA GLN C 278 -4.52 4.55 -31.73
C GLN C 278 -4.15 4.48 -33.23
N ILE C 279 -3.65 3.33 -33.66
CA ILE C 279 -3.42 3.05 -35.07
C ILE C 279 -4.57 2.19 -35.64
N THR C 280 -5.47 2.81 -36.38
CA THR C 280 -6.51 2.06 -37.12
C THR C 280 -5.92 1.53 -38.44
N VAL C 281 -5.97 0.21 -38.62
CA VAL C 281 -5.32 -0.41 -39.75
C VAL C 281 -6.21 -1.44 -40.45
N ASP C 282 -6.00 -1.56 -41.77
CA ASP C 282 -6.66 -2.56 -42.60
C ASP C 282 -5.68 -3.70 -42.70
N ILE C 283 -6.02 -4.82 -42.06
CA ILE C 283 -5.14 -5.99 -42.07
C ILE C 283 -5.65 -7.08 -43.01
N GLY C 284 -6.80 -6.81 -43.62
CA GLY C 284 -7.29 -7.61 -44.73
C GLY C 284 -8.31 -8.64 -44.28
N THR C 285 -8.32 -9.78 -45.00
CA THR C 285 -9.32 -10.83 -44.79
C THR C 285 -8.71 -12.20 -45.06
N PRO C 286 -9.34 -13.26 -44.54
CA PRO C 286 -8.83 -14.63 -44.58
C PRO C 286 -8.30 -15.08 -45.93
N SER C 287 -7.17 -15.79 -45.84
CA SER C 287 -6.17 -16.02 -46.90
C SER C 287 -6.74 -16.83 -48.09
C1 GAL D . -5.18 -10.90 34.30
C2 GAL D . -5.40 -11.00 35.81
C3 GAL D . -6.73 -10.34 36.21
C4 GAL D . -6.75 -8.91 35.69
C5 GAL D . -6.45 -9.01 34.20
C6 GAL D . -7.21 -8.16 33.18
O1 GAL D . -4.01 -11.59 33.90
O2 GAL D . -5.56 -12.39 36.06
O3 GAL D . -6.88 -10.33 37.61
O4 GAL D . -5.75 -8.11 36.32
O5 GAL D . -5.14 -9.52 33.92
O6 GAL D . -8.54 -8.65 33.18
C1 NAG D . -8.77 -9.21 31.86
C2 NAG D . -10.12 -9.94 31.77
C3 NAG D . -10.48 -10.41 30.37
C4 NAG D . -10.32 -9.24 29.41
C5 NAG D . -8.93 -8.64 29.51
C6 NAG D . -8.82 -7.47 28.54
C7 NAG D . -10.82 -11.15 33.69
C8 NAG D . -10.86 -12.45 34.46
N2 NAG D . -10.18 -11.16 32.54
O3 NAG D . -11.82 -10.82 30.46
O4 NAG D . -10.48 -9.72 28.10
O5 NAG D . -8.63 -8.23 30.84
O6 NAG D . -9.40 -6.29 29.07
O7 NAG D . -11.32 -10.13 34.14
C1 GAL E . 31.27 19.44 -4.56
C2 GAL E . 31.62 18.38 -5.61
C3 GAL E . 31.29 18.91 -7.01
C4 GAL E . 29.80 19.26 -7.07
C5 GAL E . 29.53 20.24 -5.91
C6 GAL E . 28.09 20.69 -5.75
O1 GAL E . 31.63 19.09 -3.24
O2 GAL E . 32.97 18.02 -5.51
O3 GAL E . 31.64 17.97 -8.01
O4 GAL E . 29.00 18.09 -7.01
O5 GAL E . 29.87 19.67 -4.65
O6 GAL E . 28.19 21.43 -4.54
C1 NAG E . 27.34 20.92 -3.51
C2 NAG E . 27.19 22.04 -2.50
C3 NAG E . 26.13 21.68 -1.46
C4 NAG E . 24.82 21.27 -2.13
C5 NAG E . 25.15 20.16 -3.13
C6 NAG E . 23.94 19.50 -3.80
C7 NAG E . 29.23 23.42 -2.33
C8 NAG E . 30.52 23.75 -1.59
N2 NAG E . 28.47 22.41 -1.89
O3 NAG E . 25.96 22.71 -0.52
O4 NAG E . 24.09 20.64 -1.13
O5 NAG E . 26.09 20.59 -4.07
O6 NAG E . 23.25 20.38 -4.65
O7 NAG E . 28.90 24.12 -3.30
C1 GAL F . -4.93 -27.22 -25.02
C2 GAL F . -5.74 -28.36 -24.37
C3 GAL F . -7.23 -28.25 -24.83
C4 GAL F . -7.74 -26.84 -24.43
C5 GAL F . -6.80 -25.81 -25.07
C6 GAL F . -7.17 -24.34 -24.93
O1 GAL F . -3.53 -27.26 -24.77
O2 GAL F . -5.20 -29.62 -24.70
O3 GAL F . -8.09 -29.28 -24.38
O4 GAL F . -7.79 -26.65 -23.03
O5 GAL F . -5.47 -25.98 -24.57
O6 GAL F . -6.06 -23.82 -25.62
C1 NAG F . -5.62 -22.47 -25.39
C2 NAG F . -5.57 -21.78 -26.75
C3 NAG F . -4.90 -20.42 -26.56
C4 NAG F . -5.60 -19.65 -25.43
C5 NAG F . -5.66 -20.49 -24.14
C6 NAG F . -6.32 -19.81 -22.95
C7 NAG F . -5.45 -23.26 -28.77
C8 NAG F . -4.55 -24.09 -29.63
N2 NAG F . -4.87 -22.61 -27.72
O3 NAG F . -4.95 -19.69 -27.75
O4 NAG F . -4.95 -18.41 -25.21
O5 NAG F . -6.32 -21.73 -24.41
O6 NAG F . -7.60 -19.31 -23.26
O7 NAG F . -6.65 -23.23 -29.07
N1 UDP G . -21.15 -5.89 23.11
C2 UDP G . -22.24 -5.27 22.48
N3 UDP G . -23.10 -4.52 23.28
C4 UDP G . -22.88 -4.43 24.65
C5 UDP G . -21.80 -5.04 25.31
C6 UDP G . -20.84 -5.61 24.45
O2 UDP G . -22.43 -5.39 21.26
O4 UDP G . -23.69 -3.79 25.30
C1' UDP G . -20.26 -6.74 22.29
C2' UDP G . -19.40 -5.99 21.31
O2' UDP G . -19.17 -6.87 20.21
C3' UDP G . -18.18 -5.74 22.18
C4' UDP G . -18.02 -7.03 22.96
O4' UDP G . -19.36 -7.43 23.17
O3' UDP G . -17.06 -5.53 21.37
C5' UDP G . -17.22 -6.98 24.26
O5' UDP G . -17.42 -5.87 25.13
PA UDP G . -16.53 -4.46 25.26
O1A UDP G . -16.65 -3.59 24.06
O2A UDP G . -16.96 -3.74 26.48
O3A UDP G . -14.94 -4.72 25.45
PB UDP G . -14.01 -3.50 25.99
O1B UDP G . -12.97 -4.08 26.88
O2B UDP G . -14.78 -2.52 26.82
O3B UDP G . -13.43 -2.79 24.81
MN MN H . -14.77 -2.52 23.20
C1 GOL I . -13.63 -9.91 27.81
O1 GOL I . -13.84 -10.49 26.52
C2 GOL I . -14.83 -9.05 28.27
O2 GOL I . -15.97 -9.80 28.60
C3 GOL I . -15.17 -8.14 27.10
O3 GOL I . -13.94 -7.89 26.46
S SO4 J . -14.72 -12.72 -7.09
O1 SO4 J . -14.24 -12.19 -8.38
O2 SO4 J . -13.97 -13.94 -6.77
O3 SO4 J . -16.15 -13.03 -7.24
O4 SO4 J . -14.66 -11.74 -6.00
S SO4 K . -9.95 7.73 14.62
O1 SO4 K . -9.27 8.99 14.30
O2 SO4 K . -9.65 6.81 13.51
O3 SO4 K . -11.38 7.96 14.76
O4 SO4 K . -9.53 7.25 15.95
S SO4 L . 1.35 -17.87 10.70
O1 SO4 L . 1.06 -18.20 9.30
O2 SO4 L . 1.01 -19.04 11.54
O3 SO4 L . 0.57 -16.68 11.08
O4 SO4 L . 2.74 -17.47 10.91
N1 UDP M . 14.84 28.21 1.57
C2 UDP M . 13.66 29.01 1.66
N3 UDP M . 13.51 30.16 0.94
C4 UDP M . 14.56 30.53 0.09
C5 UDP M . 15.74 29.78 -0.01
C6 UDP M . 15.85 28.56 0.69
O2 UDP M . 12.71 28.73 2.39
O4 UDP M . 14.44 31.57 -0.54
C1' UDP M . 14.95 26.96 2.39
C2' UDP M . 13.97 25.94 1.88
O2' UDP M . 13.63 25.13 3.00
C3' UDP M . 14.84 25.20 0.87
C4' UDP M . 16.17 25.08 1.58
O4' UDP M . 16.20 26.26 2.37
O3' UDP M . 14.25 23.95 0.59
C5' UDP M . 17.40 24.99 0.70
O5' UDP M . 17.30 25.66 -0.55
PA UDP M . 16.88 25.10 -2.06
O1A UDP M . 15.45 24.72 -2.27
O2A UDP M . 17.17 26.23 -2.99
O3A UDP M . 17.79 23.88 -2.62
PB UDP M . 18.05 23.73 -4.23
O1B UDP M . 19.48 23.26 -4.35
O2B UDP M . 17.90 25.03 -4.94
O3B UDP M . 17.09 22.78 -4.89
MN MN N . 14.89 23.03 -3.62
C1 GOL O . 21.78 25.10 0.29
O1 GOL O . 23.08 25.56 0.56
C2 GOL O . 21.52 23.63 0.64
O2 GOL O . 22.17 23.00 1.75
C3 GOL O . 21.68 22.95 -0.71
O3 GOL O . 20.56 23.52 -1.37
C1 GOL P . 6.25 36.47 3.71
O1 GOL P . 7.36 37.15 3.19
C2 GOL P . 6.60 35.47 4.82
O2 GOL P . 7.27 36.00 5.95
C3 GOL P . 7.21 34.26 4.11
O3 GOL P . 8.56 34.06 4.49
S SO4 Q . 30.23 37.23 7.92
O1 SO4 Q . 30.47 38.66 7.76
O2 SO4 Q . 29.88 36.77 6.56
O3 SO4 Q . 29.09 37.00 8.83
O4 SO4 Q . 31.48 36.58 8.41
S SO4 R . 4.30 16.24 -9.80
O1 SO4 R . 4.12 15.79 -11.18
O2 SO4 R . 4.09 15.11 -8.90
O3 SO4 R . 3.34 17.30 -9.56
O4 SO4 R . 5.63 16.80 -9.57
S SO4 S . 7.97 27.87 -8.66
O1 SO4 S . 8.97 28.55 -9.48
O2 SO4 S . 7.77 26.52 -9.20
O3 SO4 S . 6.71 28.58 -8.75
O4 SO4 S . 8.42 27.82 -7.28
S SO4 T . -3.06 8.23 18.35
O1 SO4 T . -2.50 8.35 17.00
O2 SO4 T . -4.21 7.31 18.26
O3 SO4 T . -3.60 9.53 18.82
O4 SO4 T . -1.98 7.81 19.26
S SO4 U . 18.80 1.52 9.37
O1 SO4 U . 18.00 2.28 8.38
O2 SO4 U . 19.46 0.39 8.70
O3 SO4 U . 17.93 1.04 10.46
O4 SO4 U . 19.95 2.27 9.92
N1 UDP V . -9.75 -8.20 -29.07
C2 UDP V . -10.52 -7.06 -29.21
N3 UDP V . -11.76 -7.08 -29.84
C4 UDP V . -12.23 -8.28 -30.34
C5 UDP V . -11.47 -9.44 -30.21
C6 UDP V . -10.36 -9.39 -29.38
O2 UDP V . -10.10 -6.00 -28.77
O4 UDP V . -13.32 -8.33 -30.90
C1' UDP V . -8.43 -8.16 -28.40
C2' UDP V . -8.52 -7.77 -26.93
O2' UDP V . -7.29 -7.14 -26.66
C3' UDP V . -8.61 -9.13 -26.26
C4' UDP V . -7.67 -9.98 -27.10
O4' UDP V . -7.76 -9.41 -28.40
O3' UDP V . -8.22 -9.17 -24.92
C5' UDP V . -7.96 -11.47 -27.05
O5' UDP V . -9.35 -11.80 -27.15
PA UDP V . -10.34 -12.20 -25.89
O1A UDP V . -10.15 -11.28 -24.76
O2A UDP V . -11.78 -12.15 -26.22
O3A UDP V . -9.94 -13.71 -25.43
PB UDP V . -10.64 -14.43 -24.16
O1B UDP V . -10.06 -15.81 -24.02
O2B UDP V . -12.10 -14.50 -24.44
O3B UDP V . -10.42 -13.68 -22.89
MN MN W . -10.69 -11.53 -22.54
C1 GOL X . -7.27 -14.92 -27.33
O1 GOL X . -7.26 -15.63 -26.11
C2 GOL X . -6.30 -15.58 -28.31
O2 GOL X . -6.92 -16.44 -29.24
C3 GOL X . -5.23 -16.32 -27.53
O3 GOL X . -4.29 -15.33 -27.21
S SO4 Y . 8.79 12.25 -13.57
O1 SO4 Y . 8.01 13.03 -14.56
O2 SO4 Y . 10.03 11.72 -14.17
O3 SO4 Y . 8.01 11.12 -13.06
O4 SO4 Y . 9.04 13.22 -12.51
S SO4 Z . -14.94 -6.11 -10.06
O1 SO4 Z . -15.62 -5.34 -11.11
O2 SO4 Z . -15.30 -7.52 -10.18
O3 SO4 Z . -15.31 -5.52 -8.76
O4 SO4 Z . -13.49 -6.04 -10.24
#